data_2WN2
#
_entry.id   2WN2
#
_cell.length_a   72.470
_cell.length_b   273.700
_cell.length_c   85.800
_cell.angle_alpha   90.00
_cell.angle_beta   90.00
_cell.angle_gamma   90.00
#
_symmetry.space_group_name_H-M   'C 2 2 21'
#
loop_
_entity.id
_entity.type
_entity.pdbx_description
1 polymer 'DISCOIDIN-1 SUBUNIT A'
2 branched beta-D-galactopyranose-(1-3)-2-acetamido-2-deoxy-beta-D-galactopyranose
3 non-polymer 2-acetamido-2-deoxy-alpha-D-galactopyranose
4 non-polymer 'CALCIUM ION'
5 non-polymer 'SULFATE ION'
6 non-polymer GLYCEROL
7 non-polymer 2-(2-{2-[2-(2-METHOXY-ETHOXY)-ETHOXY]-ETHOXY}-ETHOXY)-ETHANOL
8 water water
#
_entity_poly.entity_id   1
_entity_poly.type   'polypeptide(L)'
_entity_poly.pdbx_seq_one_letter_code
;AMSTQGLVQLLANAQCHLRTSTNYNGVHTQFNSALNYKNNGTNTIDGSEAWCSSIVDTNQYIVAGCEVPRTFMCVALQGR
GDADQWVTSYKIRYSLDNVSWFEYRNGAAVTGVTDRNTVVNHFFDTPIRARSIAIHPLTWNGHISLRCEFYTQPVQSSVT
QVGADIYTGDNCALNTGSGKREVVVPVKFQFEFATLPKVALNFDQIDCTDATNQTRIGVQPRNITTKGFDCVFYTWNENK
VYSLRADYIATALE
;
_entity_poly.pdbx_strand_id   A,B,C
#
loop_
_chem_comp.id
_chem_comp.type
_chem_comp.name
_chem_comp.formula
1PG non-polymer 2-(2-{2-[2-(2-METHOXY-ETHOXY)-ETHOXY]-ETHOXY}-ETHOXY)-ETHANOL 'C11 H24 O6'
A2G D-saccharide, alpha linking 2-acetamido-2-deoxy-alpha-D-galactopyranose 'C8 H15 N O6'
CA non-polymer 'CALCIUM ION' 'Ca 2'
GAL D-saccharide, beta linking beta-D-galactopyranose 'C6 H12 O6'
GOL non-polymer GLYCEROL 'C3 H8 O3'
NGA D-saccharide, beta linking 2-acetamido-2-deoxy-beta-D-galactopyranose 'C8 H15 N O6'
SO4 non-polymer 'SULFATE ION' 'O4 S -2'
#
# COMPACT_ATOMS: atom_id res chain seq x y z
N ALA A 1 -23.38 2.75 -16.82
CA ALA A 1 -22.07 2.05 -17.04
C ALA A 1 -21.07 2.99 -17.74
N MET A 2 -21.53 3.65 -18.81
CA MET A 2 -20.69 4.65 -19.47
C MET A 2 -20.27 5.82 -18.54
N SER A 3 -21.14 6.18 -17.62
CA SER A 3 -20.89 7.36 -16.79
C SER A 3 -19.71 7.15 -15.81
N THR A 4 -19.41 5.90 -15.48
CA THR A 4 -18.24 5.60 -14.61
C THR A 4 -17.12 4.90 -15.36
N GLN A 5 -17.18 4.94 -16.69
CA GLN A 5 -16.14 4.39 -17.54
C GLN A 5 -14.72 4.85 -17.14
N GLY A 6 -13.86 3.87 -16.99
CA GLY A 6 -12.44 4.14 -16.69
C GLY A 6 -12.12 4.23 -15.21
N LEU A 7 -13.13 4.12 -14.39
CA LEU A 7 -12.95 4.12 -12.96
C LEU A 7 -12.89 2.71 -12.38
N VAL A 8 -12.27 2.60 -11.20
CA VAL A 8 -12.20 1.33 -10.51
C VAL A 8 -13.50 1.06 -9.75
N GLN A 9 -14.12 -0.09 -10.04
CA GLN A 9 -15.26 -0.59 -9.29
C GLN A 9 -14.71 -1.34 -8.09
N LEU A 10 -14.79 -0.73 -6.91
CA LEU A 10 -14.08 -1.24 -5.73
C LEU A 10 -14.59 -2.62 -5.30
N LEU A 11 -15.90 -2.77 -5.14
CA LEU A 11 -16.46 -4.05 -4.67
C LEU A 11 -16.30 -5.13 -5.71
N ALA A 12 -16.55 -4.82 -6.98
CA ALA A 12 -16.38 -5.77 -8.03
C ALA A 12 -14.96 -6.34 -8.06
N ASN A 13 -13.99 -5.48 -7.77
CA ASN A 13 -12.58 -5.86 -7.85
C ASN A 13 -12.04 -6.36 -6.50
N ALA A 14 -12.92 -6.49 -5.51
CA ALA A 14 -12.53 -6.93 -4.16
C ALA A 14 -11.38 -6.13 -3.60
N GLN A 15 -11.45 -4.81 -3.79
CA GLN A 15 -10.44 -3.92 -3.29
C GLN A 15 -10.64 -3.38 -1.88
N CYS A 16 -11.76 -3.71 -1.22
CA CYS A 16 -12.05 -3.20 0.09
C CYS A 16 -12.56 -4.29 0.98
N HIS A 17 -12.35 -4.12 2.29
CA HIS A 17 -13.06 -4.88 3.29
C HIS A 17 -14.42 -4.23 3.51
N LEU A 18 -15.42 -5.07 3.77
CA LEU A 18 -16.77 -4.56 4.02
C LEU A 18 -17.22 -5.00 5.40
N ARG A 19 -17.56 -4.01 6.24
CA ARG A 19 -18.09 -4.24 7.56
C ARG A 19 -19.50 -3.67 7.58
N THR A 20 -20.42 -4.44 8.13
CA THR A 20 -21.77 -3.96 8.31
C THR A 20 -22.12 -3.77 9.77
N SER A 21 -23.11 -2.93 10.03
CA SER A 21 -23.63 -2.78 11.37
C SER A 21 -24.27 -4.07 11.89
N THR A 22 -25.19 -4.60 11.10
CA THR A 22 -25.90 -5.85 11.42
C THR A 22 -26.29 -6.49 10.10
N ASN A 23 -26.48 -7.81 10.13
CA ASN A 23 -26.90 -8.59 9.00
C ASN A 23 -28.18 -9.38 9.41
N TYR A 24 -29.19 -9.35 8.58
CA TYR A 24 -30.46 -10.00 8.91
C TYR A 24 -30.26 -11.46 9.34
N ASN A 25 -29.55 -12.20 8.52
CA ASN A 25 -28.95 -13.46 8.92
C ASN A 25 -27.78 -13.76 8.02
N GLY A 26 -27.34 -15.01 8.01
CA GLY A 26 -26.12 -15.34 7.36
C GLY A 26 -26.18 -15.43 5.84
N VAL A 27 -27.37 -15.34 5.29
CA VAL A 27 -27.53 -15.23 3.84
C VAL A 27 -28.09 -13.89 3.37
N HIS A 28 -27.98 -12.88 4.22
CA HIS A 28 -28.33 -11.51 3.90
C HIS A 28 -27.14 -10.55 4.17
N THR A 29 -25.92 -11.06 4.03
CA THR A 29 -24.72 -10.35 4.52
C THR A 29 -24.12 -9.51 3.41
N GLN A 30 -23.04 -8.83 3.74
CA GLN A 30 -22.26 -8.09 2.75
C GLN A 30 -21.65 -8.96 1.64
N PHE A 31 -21.69 -10.29 1.75
CA PHE A 31 -21.25 -11.12 0.63
C PHE A 31 -22.20 -10.91 -0.55
N ASN A 32 -23.39 -10.34 -0.29
CA ASN A 32 -24.46 -10.17 -1.31
C ASN A 32 -24.62 -8.71 -1.75
N SER A 33 -23.61 -7.90 -1.47
CA SER A 33 -23.70 -6.45 -1.56
C SER A 33 -23.29 -5.82 -2.88
N ALA A 34 -22.56 -6.55 -3.75
CA ALA A 34 -22.05 -5.96 -5.01
C ALA A 34 -23.19 -5.50 -5.92
N LEU A 35 -23.05 -4.33 -6.55
CA LEU A 35 -23.99 -3.89 -7.56
C LEU A 35 -24.31 -5.06 -8.51
N ASN A 36 -25.60 -5.23 -8.84
CA ASN A 36 -26.07 -6.24 -9.78
C ASN A 36 -25.82 -7.68 -9.34
N TYR A 37 -25.51 -7.87 -8.05
CA TYR A 37 -25.46 -9.20 -7.48
C TYR A 37 -26.81 -9.92 -7.71
N LYS A 38 -26.74 -11.13 -8.25
CA LYS A 38 -27.91 -11.97 -8.45
C LYS A 38 -27.56 -13.37 -8.00
N ASN A 39 -28.55 -14.05 -7.42
CA ASN A 39 -28.31 -15.35 -6.84
C ASN A 39 -29.26 -16.38 -7.43
N ASN A 40 -29.39 -17.51 -6.73
CA ASN A 40 -30.22 -18.59 -7.20
C ASN A 40 -31.69 -18.29 -6.89
N GLY A 41 -32.41 -17.89 -7.93
CA GLY A 41 -33.83 -17.53 -7.80
C GLY A 41 -34.74 -18.74 -7.60
N THR A 42 -34.23 -19.94 -7.82
CA THR A 42 -35.06 -21.15 -7.63
C THR A 42 -34.86 -21.82 -6.27
N ASN A 43 -33.91 -21.33 -5.48
CA ASN A 43 -33.59 -21.94 -4.20
C ASN A 43 -33.55 -20.80 -3.18
N THR A 44 -34.40 -20.92 -2.16
CA THR A 44 -34.50 -19.87 -1.15
C THR A 44 -33.31 -19.84 -0.18
N ILE A 45 -32.49 -20.88 -0.13
CA ILE A 45 -31.53 -20.99 0.98
C ILE A 45 -30.33 -20.09 0.83
N ASP A 46 -30.07 -19.61 -0.37
CA ASP A 46 -28.95 -18.66 -0.54
C ASP A 46 -29.25 -17.23 -0.23
N GLY A 47 -30.49 -16.94 0.17
CA GLY A 47 -30.83 -15.63 0.68
C GLY A 47 -31.13 -14.49 -0.31
N SER A 48 -30.78 -13.28 0.11
CA SER A 48 -31.23 -12.07 -0.56
C SER A 48 -30.26 -11.57 -1.62
N GLU A 49 -30.80 -10.88 -2.62
CA GLU A 49 -29.97 -10.16 -3.60
C GLU A 49 -29.75 -8.74 -3.07
N ALA A 50 -29.05 -8.69 -1.92
CA ALA A 50 -28.70 -7.48 -1.19
C ALA A 50 -28.08 -7.83 0.12
N TRP A 51 -27.34 -6.88 0.68
CA TRP A 51 -27.09 -6.81 2.13
C TRP A 51 -28.37 -6.27 2.77
N CYS A 52 -28.88 -6.95 3.81
CA CYS A 52 -30.05 -6.48 4.58
C CYS A 52 -29.71 -6.47 6.05
N SER A 53 -30.02 -5.39 6.76
CA SER A 53 -29.69 -5.26 8.16
C SER A 53 -30.60 -6.15 9.01
N SER A 54 -30.20 -6.37 10.25
N SER A 54 -30.22 -6.37 10.27
CA SER A 54 -31.06 -7.04 11.21
CA SER A 54 -31.08 -7.07 11.23
C SER A 54 -31.95 -6.04 11.94
C SER A 54 -31.90 -6.11 12.10
N ILE A 55 -31.36 -4.93 12.35
CA ILE A 55 -32.07 -3.87 13.05
C ILE A 55 -32.49 -2.85 12.00
N VAL A 56 -33.73 -2.41 12.10
CA VAL A 56 -34.28 -1.45 11.14
C VAL A 56 -34.43 -0.10 11.87
N ASP A 57 -33.39 0.72 11.77
CA ASP A 57 -33.38 2.06 12.35
C ASP A 57 -32.35 2.90 11.59
N THR A 58 -32.11 4.11 12.06
CA THR A 58 -31.27 5.05 11.33
C THR A 58 -29.80 4.95 11.75
N ASN A 59 -29.46 3.88 12.46
CA ASN A 59 -28.10 3.62 12.93
C ASN A 59 -27.35 2.52 12.18
N GLN A 60 -27.89 2.08 11.06
CA GLN A 60 -27.24 1.01 10.29
C GLN A 60 -26.28 1.61 9.26
N TYR A 61 -25.38 0.78 8.74
CA TYR A 61 -24.38 1.24 7.80
C TYR A 61 -23.61 0.06 7.19
N ILE A 62 -23.03 0.32 6.04
CA ILE A 62 -22.01 -0.55 5.46
C ILE A 62 -20.77 0.32 5.23
N VAL A 63 -19.62 -0.19 5.69
CA VAL A 63 -18.35 0.49 5.56
C VAL A 63 -17.47 -0.26 4.57
N ALA A 64 -16.87 0.47 3.63
CA ALA A 64 -15.89 -0.07 2.71
C ALA A 64 -14.57 0.51 3.10
N GLY A 65 -13.59 -0.34 3.40
CA GLY A 65 -12.29 0.10 3.87
C GLY A 65 -11.18 -0.27 2.90
N CYS A 66 -10.44 0.75 2.47
CA CYS A 66 -9.22 0.56 1.68
C CYS A 66 -8.01 1.02 2.47
N GLU A 67 -6.93 0.25 2.38
CA GLU A 67 -5.71 0.66 3.07
C GLU A 67 -4.91 1.72 2.31
N VAL A 68 -5.12 1.79 1.02
CA VAL A 68 -4.37 2.73 0.17
C VAL A 68 -5.35 3.81 -0.13
N PRO A 69 -4.96 5.07 0.08
CA PRO A 69 -5.93 6.12 -0.21
C PRO A 69 -6.44 6.15 -1.64
N ARG A 70 -7.70 6.50 -1.79
CA ARG A 70 -8.34 6.60 -3.13
C ARG A 70 -9.04 7.93 -3.28
N THR A 71 -9.29 8.31 -4.54
CA THR A 71 -10.13 9.42 -4.87
C THR A 71 -11.47 8.86 -5.35
N PHE A 72 -12.47 9.01 -4.50
CA PHE A 72 -13.84 8.50 -4.71
C PHE A 72 -14.60 9.51 -5.54
N MET A 73 -15.07 9.07 -6.71
CA MET A 73 -15.76 9.93 -7.64
C MET A 73 -17.27 9.78 -7.49
N CYS A 74 -17.71 8.58 -7.16
CA CYS A 74 -19.11 8.29 -7.22
C CYS A 74 -19.45 7.13 -6.32
N VAL A 75 -20.68 7.16 -5.82
CA VAL A 75 -21.30 5.99 -5.17
C VAL A 75 -22.57 5.64 -5.96
N ALA A 76 -22.76 4.37 -6.28
CA ALA A 76 -24.00 3.83 -6.88
C ALA A 76 -24.77 3.01 -5.83
N LEU A 77 -26.06 3.28 -5.72
CA LEU A 77 -26.95 2.55 -4.86
C LEU A 77 -27.94 1.79 -5.75
N GLN A 78 -28.37 0.64 -5.25
CA GLN A 78 -29.34 -0.19 -5.92
C GLN A 78 -30.16 -0.88 -4.83
N GLY A 79 -31.41 -1.18 -5.15
CA GLY A 79 -32.28 -1.89 -4.22
C GLY A 79 -32.01 -3.38 -4.20
N ARG A 80 -32.85 -4.08 -3.44
CA ARG A 80 -32.79 -5.53 -3.34
C ARG A 80 -33.40 -6.18 -4.59
N GLY A 81 -32.68 -7.12 -5.17
CA GLY A 81 -33.08 -7.77 -6.41
C GLY A 81 -34.39 -8.59 -6.34
N ASP A 82 -34.63 -9.22 -5.21
CA ASP A 82 -35.63 -10.28 -5.11
C ASP A 82 -36.82 -9.94 -4.22
N ALA A 83 -36.85 -8.74 -3.65
CA ALA A 83 -38.00 -8.26 -2.87
C ALA A 83 -38.07 -6.75 -2.99
N ASP A 84 -39.24 -6.20 -2.66
CA ASP A 84 -39.44 -4.74 -2.70
C ASP A 84 -38.89 -4.00 -1.47
N GLN A 85 -37.57 -3.99 -1.38
CA GLN A 85 -36.88 -3.37 -0.30
C GLN A 85 -35.74 -2.56 -0.93
N TRP A 86 -35.63 -1.32 -0.53
CA TRP A 86 -34.58 -0.41 -1.04
C TRP A 86 -34.44 0.81 -0.16
N VAL A 87 -33.28 1.46 -0.31
CA VAL A 87 -32.96 2.62 0.47
C VAL A 87 -33.20 3.87 -0.35
N THR A 88 -34.05 4.77 0.17
CA THR A 88 -34.56 5.93 -0.55
C THR A 88 -33.73 7.20 -0.32
N SER A 89 -32.99 7.24 0.79
CA SER A 89 -32.01 8.33 1.05
C SER A 89 -31.00 7.85 2.08
N TYR A 90 -29.81 8.45 2.02
CA TYR A 90 -28.70 8.01 2.86
C TYR A 90 -27.71 9.13 3.07
N LYS A 91 -26.88 8.96 4.10
CA LYS A 91 -25.77 9.84 4.38
C LYS A 91 -24.47 9.13 3.99
N ILE A 92 -23.47 9.89 3.54
CA ILE A 92 -22.12 9.37 3.28
C ILE A 92 -21.15 9.99 4.27
N ARG A 93 -20.28 9.16 4.80
CA ARG A 93 -19.28 9.57 5.76
C ARG A 93 -18.00 8.90 5.34
N TYR A 94 -16.87 9.51 5.68
CA TYR A 94 -15.60 8.98 5.22
C TYR A 94 -14.46 9.43 6.11
N SER A 95 -13.29 8.80 5.91
CA SER A 95 -12.11 9.14 6.65
C SER A 95 -10.91 8.86 5.80
N LEU A 96 -9.95 9.78 5.83
CA LEU A 96 -8.66 9.56 5.20
C LEU A 96 -7.62 8.95 6.13
N ASP A 97 -7.49 9.48 7.34
CA ASP A 97 -6.49 8.92 8.30
C ASP A 97 -6.99 7.79 9.17
N ASN A 98 -8.28 7.45 9.04
CA ASN A 98 -8.94 6.42 9.88
C ASN A 98 -8.90 6.77 11.35
N VAL A 99 -8.80 8.05 11.67
CA VAL A 99 -8.91 8.54 13.05
C VAL A 99 -10.10 9.50 13.12
N SER A 100 -10.09 10.53 12.29
CA SER A 100 -11.20 11.47 12.14
C SER A 100 -12.03 11.13 10.92
N TRP A 101 -13.35 11.11 11.16
CA TRP A 101 -14.37 10.96 10.14
C TRP A 101 -15.11 12.26 9.89
N PHE A 102 -15.62 12.38 8.68
CA PHE A 102 -16.33 13.53 8.22
C PHE A 102 -17.59 13.09 7.51
N GLU A 103 -18.57 13.99 7.49
CA GLU A 103 -19.81 13.75 6.77
C GLU A 103 -19.83 14.51 5.47
N TYR A 104 -20.12 13.83 4.39
CA TYR A 104 -20.40 14.46 3.13
C TYR A 104 -21.63 15.40 3.27
N ARG A 105 -21.49 16.60 2.69
CA ARG A 105 -22.56 17.62 2.76
C ARG A 105 -23.02 17.88 4.19
N ASN A 106 -22.11 17.77 5.13
CA ASN A 106 -22.43 17.98 6.52
C ASN A 106 -23.57 17.09 6.98
N GLY A 107 -23.67 15.90 6.41
CA GLY A 107 -24.66 14.93 6.89
C GLY A 107 -26.03 15.05 6.23
N ALA A 108 -26.14 15.92 5.23
CA ALA A 108 -27.39 16.04 4.47
C ALA A 108 -27.66 14.74 3.73
N ALA A 109 -28.95 14.50 3.46
CA ALA A 109 -29.36 13.27 2.80
C ALA A 109 -29.03 13.32 1.34
N VAL A 110 -28.47 12.23 0.83
CA VAL A 110 -28.26 11.99 -0.59
C VAL A 110 -29.44 11.12 -1.10
N THR A 111 -29.90 11.41 -2.29
CA THR A 111 -31.02 10.71 -2.89
C THR A 111 -30.64 9.29 -3.31
N GLY A 112 -31.41 8.34 -2.79
CA GLY A 112 -31.27 6.93 -3.12
C GLY A 112 -32.11 6.45 -4.28
N VAL A 113 -32.66 5.25 -4.15
CA VAL A 113 -33.30 4.60 -5.27
C VAL A 113 -34.81 4.56 -5.03
N THR A 114 -35.55 4.15 -6.07
CA THR A 114 -37.01 4.10 -6.00
C THR A 114 -37.59 2.74 -6.42
N ASP A 115 -36.74 1.74 -6.63
CA ASP A 115 -37.19 0.44 -7.08
C ASP A 115 -36.12 -0.59 -6.77
N ARG A 116 -36.31 -1.82 -7.22
CA ARG A 116 -35.37 -2.89 -6.90
C ARG A 116 -34.05 -2.76 -7.62
N ASN A 117 -34.10 -2.47 -8.93
CA ASN A 117 -32.95 -2.73 -9.78
C ASN A 117 -32.32 -1.53 -10.47
N THR A 118 -33.02 -0.40 -10.53
CA THR A 118 -32.53 0.74 -11.28
C THR A 118 -31.48 1.46 -10.42
N VAL A 119 -30.25 1.48 -10.93
CA VAL A 119 -29.12 2.04 -10.19
C VAL A 119 -29.22 3.57 -10.20
N VAL A 120 -28.96 4.19 -9.08
CA VAL A 120 -28.86 5.65 -8.97
C VAL A 120 -27.44 6.00 -8.53
N ASN A 121 -26.74 6.66 -9.44
CA ASN A 121 -25.39 7.15 -9.19
C ASN A 121 -25.38 8.49 -8.55
N HIS A 122 -24.51 8.68 -7.56
CA HIS A 122 -24.25 10.01 -7.06
C HIS A 122 -22.76 10.36 -7.21
N PHE A 123 -22.45 11.35 -8.04
CA PHE A 123 -21.08 11.88 -8.15
C PHE A 123 -20.88 12.93 -7.07
N PHE A 124 -19.86 12.76 -6.23
CA PHE A 124 -19.66 13.64 -5.13
C PHE A 124 -19.38 15.04 -5.66
N ASP A 125 -19.95 16.04 -4.98
CA ASP A 125 -19.79 17.45 -5.35
C ASP A 125 -18.34 17.76 -5.69
N THR A 126 -17.44 17.38 -4.79
CA THR A 126 -15.99 17.34 -5.04
C THR A 126 -15.50 15.90 -4.79
N PRO A 127 -14.61 15.41 -5.65
CA PRO A 127 -14.10 14.06 -5.35
C PRO A 127 -13.52 13.94 -3.93
N ILE A 128 -13.78 12.82 -3.26
CA ILE A 128 -13.40 12.64 -1.84
C ILE A 128 -12.15 11.78 -1.74
N ARG A 129 -11.10 12.32 -1.12
CA ARG A 129 -9.87 11.57 -0.92
C ARG A 129 -10.03 10.86 0.42
N ALA A 130 -10.04 9.51 0.40
CA ALA A 130 -10.32 8.78 1.63
C ALA A 130 -9.75 7.37 1.61
N ARG A 131 -9.64 6.78 2.80
CA ARG A 131 -9.36 5.34 2.90
C ARG A 131 -10.65 4.56 3.11
N SER A 132 -11.51 5.07 3.99
CA SER A 132 -12.75 4.33 4.31
C SER A 132 -13.94 5.22 4.10
N ILE A 133 -15.06 4.60 3.70
CA ILE A 133 -16.24 5.31 3.33
C ILE A 133 -17.46 4.49 3.76
N ALA A 134 -18.52 5.16 4.16
CA ALA A 134 -19.70 4.45 4.70
C ALA A 134 -20.98 5.03 4.17
N ILE A 135 -21.90 4.11 3.88
CA ILE A 135 -23.28 4.42 3.56
C ILE A 135 -24.14 4.24 4.80
N HIS A 136 -24.83 5.32 5.22
CA HIS A 136 -25.70 5.27 6.37
C HIS A 136 -27.14 5.52 5.90
N PRO A 137 -27.96 4.46 5.77
CA PRO A 137 -29.34 4.65 5.31
C PRO A 137 -30.11 5.51 6.28
N LEU A 138 -30.84 6.47 5.69
CA LEU A 138 -31.66 7.42 6.45
C LEU A 138 -33.16 7.12 6.30
N THR A 139 -33.58 6.80 5.08
CA THR A 139 -34.98 6.38 4.79
C THR A 139 -34.99 5.16 3.85
N TRP A 140 -36.06 4.39 3.93
CA TRP A 140 -36.11 3.13 3.20
C TRP A 140 -37.57 2.75 2.90
N ASN A 141 -37.70 1.86 1.93
CA ASN A 141 -38.96 1.21 1.56
C ASN A 141 -38.87 -0.23 1.98
N GLY A 142 -39.72 -0.65 2.93
CA GLY A 142 -39.81 -2.10 3.28
C GLY A 142 -38.81 -2.53 4.30
N HIS A 143 -37.54 -2.35 3.97
CA HIS A 143 -36.44 -2.76 4.85
C HIS A 143 -35.13 -2.10 4.39
N ILE A 144 -34.14 -2.09 5.26
CA ILE A 144 -32.79 -1.57 4.89
C ILE A 144 -32.06 -2.65 4.15
N SER A 145 -32.14 -2.59 2.84
CA SER A 145 -31.59 -3.58 1.93
C SER A 145 -30.99 -2.86 0.76
N LEU A 146 -29.75 -3.22 0.40
CA LEU A 146 -29.10 -2.57 -0.70
C LEU A 146 -28.03 -3.39 -1.38
N ARG A 147 -27.71 -3.01 -2.62
CA ARG A 147 -26.45 -3.36 -3.25
C ARG A 147 -25.81 -2.02 -3.66
N CYS A 148 -24.52 -2.02 -3.86
CA CYS A 148 -23.84 -0.72 -4.05
C CYS A 148 -22.49 -0.90 -4.73
N GLU A 149 -21.91 0.21 -5.18
CA GLU A 149 -20.54 0.19 -5.67
C GLU A 149 -19.96 1.56 -5.39
N PHE A 150 -18.65 1.60 -5.23
CA PHE A 150 -17.89 2.85 -5.13
C PHE A 150 -16.94 2.87 -6.30
N TYR A 151 -16.78 4.05 -6.91
CA TYR A 151 -15.95 4.20 -8.09
C TYR A 151 -14.82 5.19 -7.76
N THR A 152 -13.61 4.72 -7.94
CA THR A 152 -12.43 5.55 -7.67
C THR A 152 -11.52 5.71 -8.87
N GLN A 153 -10.72 6.75 -8.85
CA GLN A 153 -9.68 6.85 -9.85
C GLN A 153 -8.74 5.66 -9.68
N PRO A 154 -8.13 5.21 -10.77
CA PRO A 154 -7.08 4.18 -10.69
C PRO A 154 -5.98 4.67 -9.76
N VAL A 155 -5.45 3.76 -8.94
CA VAL A 155 -4.30 4.09 -8.10
C VAL A 155 -3.01 3.65 -8.76
N GLN A 156 -1.92 4.31 -8.42
CA GLN A 156 -0.59 3.84 -8.81
CA GLN A 156 -0.59 3.88 -8.81
C GLN A 156 0.18 3.56 -7.56
N SER A 157 0.99 2.52 -7.59
CA SER A 157 1.79 2.14 -6.45
C SER A 157 3.28 2.19 -6.83
N SER A 158 4.10 2.82 -6.02
CA SER A 158 5.56 2.79 -6.24
C SER A 158 6.26 2.16 -5.06
N VAL A 159 7.45 1.58 -5.31
CA VAL A 159 8.34 1.12 -4.26
C VAL A 159 9.69 1.79 -4.54
N THR A 160 10.25 2.40 -3.51
CA THR A 160 11.46 3.22 -3.63
C THR A 160 12.52 2.69 -2.71
N GLN A 161 13.75 2.68 -3.19
CA GLN A 161 14.88 2.35 -2.35
C GLN A 161 15.92 3.49 -2.51
N VAL A 162 16.43 3.95 -1.37
CA VAL A 162 17.49 4.92 -1.34
C VAL A 162 18.77 4.22 -0.91
N GLY A 163 19.87 4.52 -1.59
CA GLY A 163 21.16 4.05 -1.16
C GLY A 163 22.11 5.21 -1.14
N ALA A 164 22.98 5.22 -0.14
CA ALA A 164 23.78 6.39 0.14
C ALA A 164 25.23 6.10 -0.15
N ASP A 165 25.91 7.18 -0.53
CA ASP A 165 27.38 7.26 -0.45
C ASP A 165 28.17 6.28 -1.32
N ILE A 166 27.75 6.15 -2.59
CA ILE A 166 28.51 5.33 -3.54
C ILE A 166 29.76 6.19 -3.87
N TYR A 167 30.96 5.65 -3.78
CA TYR A 167 32.13 6.53 -3.77
C TYR A 167 33.19 6.01 -4.71
N THR A 168 33.89 6.91 -5.39
CA THR A 168 34.98 6.50 -6.28
C THR A 168 36.20 5.95 -5.56
N GLY A 169 36.32 6.31 -4.30
CA GLY A 169 37.57 6.22 -3.55
C GLY A 169 38.39 7.51 -3.70
N ASP A 170 39.33 7.72 -2.76
CA ASP A 170 40.24 8.86 -2.80
C ASP A 170 41.24 8.66 -3.94
N ASN A 171 41.68 9.76 -4.54
CA ASN A 171 42.66 9.75 -5.62
C ASN A 171 42.35 8.64 -6.62
N CYS A 172 41.13 8.69 -7.14
CA CYS A 172 40.66 7.60 -7.99
C CYS A 172 41.24 7.75 -9.40
N ALA A 173 40.93 6.76 -10.25
CA ALA A 173 41.53 6.74 -11.61
C ALA A 173 41.14 7.93 -12.47
N LEU A 174 40.10 8.71 -12.09
CA LEU A 174 39.76 9.89 -12.85
C LEU A 174 40.75 11.02 -12.63
N ASN A 175 41.70 10.80 -11.71
CA ASN A 175 42.64 11.85 -11.32
C ASN A 175 43.96 11.80 -12.15
N THR A 176 43.97 10.94 -13.17
CA THR A 176 45.06 10.89 -14.14
C THR A 176 44.47 10.74 -15.56
N GLY A 177 45.29 11.06 -16.56
CA GLY A 177 44.90 10.82 -17.94
C GLY A 177 44.09 11.88 -18.59
N SER A 178 43.72 11.66 -19.85
CA SER A 178 42.81 12.59 -20.50
C SER A 178 41.88 11.88 -21.42
N GLY A 179 40.93 12.63 -21.95
CA GLY A 179 39.81 12.12 -22.70
C GLY A 179 38.75 11.56 -21.77
N LYS A 180 37.72 10.96 -22.33
CA LYS A 180 36.69 10.27 -21.51
C LYS A 180 37.25 9.15 -20.67
N ARG A 181 37.01 9.29 -19.36
CA ARG A 181 37.44 8.34 -18.37
C ARG A 181 36.30 8.05 -17.38
N GLU A 182 36.21 6.78 -16.95
CA GLU A 182 35.13 6.29 -16.09
C GLU A 182 35.67 5.41 -14.99
N VAL A 183 35.04 5.51 -13.82
CA VAL A 183 35.24 4.58 -12.70
C VAL A 183 33.86 4.01 -12.40
N VAL A 184 33.73 2.70 -12.47
CA VAL A 184 32.47 2.02 -12.30
C VAL A 184 32.40 1.35 -10.91
N VAL A 185 31.31 1.61 -10.18
CA VAL A 185 31.09 0.98 -8.89
C VAL A 185 29.75 0.25 -8.97
N PRO A 186 29.79 -1.10 -8.98
CA PRO A 186 28.52 -1.85 -9.03
C PRO A 186 27.74 -1.65 -7.73
N VAL A 187 26.43 -1.51 -7.87
CA VAL A 187 25.52 -1.25 -6.76
C VAL A 187 24.48 -2.35 -6.78
N LYS A 188 24.27 -3.00 -5.64
CA LYS A 188 23.17 -3.97 -5.53
C LYS A 188 22.09 -3.40 -4.62
N PHE A 189 20.85 -3.43 -5.07
CA PHE A 189 19.77 -2.97 -4.24
C PHE A 189 19.60 -3.92 -3.03
N GLN A 190 19.10 -3.39 -1.94
CA GLN A 190 18.88 -4.18 -0.71
C GLN A 190 17.91 -5.31 -0.97
N PHE A 191 16.87 -5.05 -1.77
CA PHE A 191 15.98 -6.11 -2.26
C PHE A 191 15.73 -5.94 -3.76
N GLU A 192 15.37 -7.02 -4.41
CA GLU A 192 15.08 -7.00 -5.83
C GLU A 192 13.69 -6.39 -6.11
N PHE A 193 13.62 -5.42 -7.00
CA PHE A 193 12.34 -4.83 -7.41
C PHE A 193 11.55 -5.83 -8.27
N ALA A 194 10.24 -5.69 -8.24
CA ALA A 194 9.34 -6.56 -8.97
C ALA A 194 9.30 -6.17 -10.42
N THR A 195 9.61 -4.90 -10.72
CA THR A 195 9.65 -4.40 -12.07
C THR A 195 10.85 -3.44 -12.19
N LEU A 196 11.19 -3.09 -13.41
CA LEU A 196 12.42 -2.33 -13.63
C LEU A 196 12.32 -0.92 -13.07
N PRO A 197 13.28 -0.53 -12.21
CA PRO A 197 13.19 0.81 -11.61
C PRO A 197 13.82 1.88 -12.50
N LYS A 198 13.43 3.13 -12.28
CA LYS A 198 14.15 4.33 -12.78
C LYS A 198 15.07 4.78 -11.64
N VAL A 199 16.21 5.36 -11.98
CA VAL A 199 17.22 5.66 -10.95
C VAL A 199 17.73 7.10 -11.10
N ALA A 200 17.57 7.85 -10.01
CA ALA A 200 18.20 9.14 -9.87
C ALA A 200 19.50 8.92 -9.14
N LEU A 201 20.54 9.58 -9.60
CA LEU A 201 21.86 9.36 -9.04
C LEU A 201 22.64 10.66 -9.12
N ASN A 202 22.86 11.28 -7.97
CA ASN A 202 23.26 12.68 -7.94
C ASN A 202 24.38 12.92 -6.93
N PHE A 203 25.13 14.02 -7.12
CA PHE A 203 26.35 14.25 -6.33
C PHE A 203 26.07 14.67 -4.90
N ASP A 204 26.86 14.15 -3.98
CA ASP A 204 26.92 14.72 -2.63
C ASP A 204 28.33 15.14 -2.16
N GLN A 205 29.39 14.74 -2.89
CA GLN A 205 30.74 15.21 -2.55
C GLN A 205 31.59 15.27 -3.79
N ILE A 206 32.22 16.41 -4.00
CA ILE A 206 33.00 16.67 -5.21
C ILE A 206 34.38 17.18 -4.85
N ASP A 207 35.41 16.53 -5.40
CA ASP A 207 36.82 16.91 -5.17
C ASP A 207 37.55 16.79 -6.53
N CYS A 208 37.69 17.90 -7.22
CA CYS A 208 38.15 17.90 -8.58
C CYS A 208 38.94 19.18 -8.95
N THR A 209 39.73 19.05 -10.01
CA THR A 209 40.61 20.12 -10.48
C THR A 209 40.00 20.63 -11.76
N ASP A 210 39.90 21.93 -11.89
CA ASP A 210 39.48 22.52 -13.15
C ASP A 210 40.55 22.35 -14.23
N ALA A 211 40.13 22.51 -15.47
CA ALA A 211 41.05 22.43 -16.62
C ALA A 211 40.84 23.67 -17.46
N THR A 212 41.84 24.55 -17.52
CA THR A 212 41.62 25.88 -18.13
C THR A 212 40.29 26.51 -17.66
N ASN A 213 40.11 26.49 -16.34
CA ASN A 213 38.96 27.04 -15.64
C ASN A 213 37.62 26.29 -15.80
N GLN A 214 37.64 25.14 -16.50
CA GLN A 214 36.42 24.38 -16.74
C GLN A 214 36.31 23.24 -15.72
N THR A 215 35.11 23.07 -15.19
CA THR A 215 34.73 21.90 -14.35
C THR A 215 34.00 20.97 -15.27
N ARG A 216 34.38 19.70 -15.28
CA ARG A 216 33.69 18.63 -16.05
C ARG A 216 33.59 17.39 -15.18
N ILE A 217 32.37 17.12 -14.72
CA ILE A 217 32.14 15.95 -13.88
C ILE A 217 30.77 15.35 -14.18
N GLY A 218 30.65 14.06 -14.01
CA GLY A 218 29.40 13.41 -14.19
C GLY A 218 29.26 12.09 -13.45
N VAL A 219 28.02 11.69 -13.25
CA VAL A 219 27.70 10.40 -12.67
C VAL A 219 26.41 9.90 -13.29
N GLN A 220 26.34 8.61 -13.60
CA GLN A 220 25.20 8.05 -14.30
C GLN A 220 25.07 6.57 -14.07
N PRO A 221 23.84 6.09 -13.93
CA PRO A 221 23.68 4.63 -13.85
C PRO A 221 23.82 3.99 -15.23
N ARG A 222 24.28 2.74 -15.24
CA ARG A 222 24.32 1.95 -16.46
C ARG A 222 23.92 0.52 -16.12
N ASN A 223 23.26 -0.15 -17.06
CA ASN A 223 22.80 -1.54 -16.86
C ASN A 223 21.89 -1.69 -15.67
N ILE A 224 20.93 -0.78 -15.55
CA ILE A 224 19.89 -0.90 -14.53
C ILE A 224 19.09 -2.22 -14.76
N THR A 225 18.96 -3.02 -13.71
CA THR A 225 18.11 -4.20 -13.70
C THR A 225 17.27 -4.16 -12.43
N THR A 226 16.43 -5.18 -12.21
CA THR A 226 15.68 -5.23 -10.97
C THR A 226 16.56 -5.40 -9.76
N LYS A 227 17.81 -5.87 -9.95
CA LYS A 227 18.68 -6.20 -8.82
C LYS A 227 19.69 -5.12 -8.41
N GLY A 228 20.00 -4.24 -9.35
CA GLY A 228 21.04 -3.23 -9.15
C GLY A 228 21.39 -2.47 -10.42
N PHE A 229 22.53 -1.80 -10.39
CA PHE A 229 23.01 -1.02 -11.52
C PHE A 229 24.48 -0.74 -11.32
N ASP A 230 25.11 -0.30 -12.40
CA ASP A 230 26.48 0.14 -12.33
C ASP A 230 26.47 1.67 -12.17
N CYS A 231 27.11 2.13 -11.09
CA CYS A 231 27.29 3.56 -10.83
C CYS A 231 28.57 4.01 -11.59
N VAL A 232 28.39 4.79 -12.63
CA VAL A 232 29.47 5.26 -13.52
C VAL A 232 29.81 6.71 -13.24
N PHE A 233 30.97 6.91 -12.60
CA PHE A 233 31.54 8.21 -12.39
C PHE A 233 32.46 8.52 -13.54
N TYR A 234 32.44 9.77 -13.99
CA TYR A 234 33.21 10.08 -15.19
C TYR A 234 33.67 11.53 -15.25
N THR A 235 34.72 11.73 -16.03
CA THR A 235 35.14 13.07 -16.45
C THR A 235 35.61 12.93 -17.88
N TRP A 236 36.06 14.03 -18.45
CA TRP A 236 36.49 14.01 -19.85
C TRP A 236 37.42 15.20 -20.11
N ASN A 237 37.85 15.36 -21.36
CA ASN A 237 38.83 16.40 -21.66
C ASN A 237 40.08 16.17 -20.78
N GLU A 238 40.73 17.22 -20.29
CA GLU A 238 41.96 17.13 -19.52
C GLU A 238 41.69 17.19 -18.02
N ASN A 239 40.42 17.23 -17.62
CA ASN A 239 40.11 17.30 -16.18
C ASN A 239 40.61 16.11 -15.36
N LYS A 240 41.12 16.44 -14.18
CA LYS A 240 41.56 15.48 -13.19
C LYS A 240 40.60 15.57 -11.99
N VAL A 241 40.02 14.44 -11.66
CA VAL A 241 39.01 14.34 -10.61
C VAL A 241 39.54 13.40 -9.55
N TYR A 242 39.74 13.93 -8.36
CA TYR A 242 40.29 13.17 -7.24
C TYR A 242 39.27 12.19 -6.70
N SER A 243 38.05 12.66 -6.49
CA SER A 243 36.97 11.80 -6.07
C SER A 243 35.59 12.40 -6.32
N LEU A 244 34.61 11.50 -6.40
CA LEU A 244 33.21 11.85 -6.47
C LEU A 244 32.39 10.90 -5.65
N ARG A 245 31.33 11.42 -5.02
CA ARG A 245 30.41 10.59 -4.26
C ARG A 245 28.99 10.96 -4.70
N ALA A 246 28.12 9.98 -4.60
CA ALA A 246 26.72 10.17 -4.98
C ALA A 246 25.79 9.34 -4.14
N ASP A 247 24.56 9.80 -3.98
CA ASP A 247 23.46 8.99 -3.39
C ASP A 247 22.49 8.63 -4.53
N TYR A 248 21.76 7.53 -4.41
CA TYR A 248 20.77 7.14 -5.42
C TYR A 248 19.37 6.95 -4.84
N ILE A 249 18.42 7.14 -5.74
CA ILE A 249 17.02 6.93 -5.47
C ILE A 249 16.44 6.12 -6.61
N ALA A 250 16.01 4.91 -6.30
CA ALA A 250 15.53 3.99 -7.30
C ALA A 250 14.08 3.69 -7.05
N THR A 251 13.22 3.84 -8.05
CA THR A 251 11.77 3.68 -7.84
C THR A 251 11.16 2.86 -8.97
N ALA A 252 10.41 1.81 -8.58
CA ALA A 252 9.65 0.97 -9.55
C ALA A 252 8.16 1.20 -9.32
N LEU A 253 7.41 1.14 -10.41
N LEU A 253 7.41 1.12 -10.41
CA LEU A 253 5.99 1.35 -10.42
CA LEU A 253 5.99 1.36 -10.47
C LEU A 253 5.22 0.03 -10.64
C LEU A 253 5.21 0.05 -10.65
N GLU A 254 4.07 -0.03 -9.97
CA GLU A 254 3.08 -1.07 -10.20
C GLU A 254 3.68 -2.46 -10.03
N SER B 3 7.79 -26.57 -2.87
CA SER B 3 7.75 -25.87 -4.20
C SER B 3 7.30 -24.41 -4.08
N THR B 4 6.61 -24.09 -2.98
CA THR B 4 6.16 -22.73 -2.71
C THR B 4 6.91 -22.12 -1.51
N GLN B 5 8.06 -22.72 -1.13
CA GLN B 5 8.84 -22.19 -0.01
C GLN B 5 9.24 -20.73 -0.31
N GLY B 6 9.20 -19.90 0.71
CA GLY B 6 9.53 -18.47 0.63
C GLY B 6 8.44 -17.55 0.05
N LEU B 7 7.32 -18.13 -0.42
CA LEU B 7 6.24 -17.34 -1.01
C LEU B 7 5.18 -17.05 0.04
N VAL B 8 4.49 -15.96 -0.17
CA VAL B 8 3.41 -15.57 0.67
C VAL B 8 2.15 -16.36 0.28
N GLN B 9 1.54 -16.99 1.27
CA GLN B 9 0.23 -17.67 1.16
C GLN B 9 -0.84 -16.59 1.45
N LEU B 10 -1.45 -16.06 0.40
CA LEU B 10 -2.32 -14.91 0.52
C LEU B 10 -3.52 -15.14 1.44
N LEU B 11 -4.26 -16.21 1.21
CA LEU B 11 -5.49 -16.46 2.00
C LEU B 11 -5.12 -16.75 3.48
N ALA B 12 -4.13 -17.61 3.68
CA ALA B 12 -3.69 -17.99 5.04
C ALA B 12 -3.34 -16.74 5.85
N ASN B 13 -2.67 -15.81 5.19
CA ASN B 13 -2.25 -14.53 5.78
C ASN B 13 -3.29 -13.44 5.77
N ALA B 14 -4.50 -13.71 5.25
CA ALA B 14 -5.56 -12.70 5.25
C ALA B 14 -5.13 -11.44 4.52
N GLN B 15 -4.38 -11.62 3.44
CA GLN B 15 -3.91 -10.50 2.61
C GLN B 15 -4.85 -10.03 1.49
N CYS B 16 -5.97 -10.70 1.32
CA CYS B 16 -6.88 -10.34 0.25
C CYS B 16 -8.33 -10.32 0.72
N HIS B 17 -9.16 -9.52 0.07
CA HIS B 17 -10.62 -9.65 0.20
C HIS B 17 -11.08 -10.75 -0.74
N LEU B 18 -12.11 -11.50 -0.33
CA LEU B 18 -12.64 -12.57 -1.16
C LEU B 18 -14.09 -12.29 -1.50
N ARG B 19 -14.39 -12.17 -2.78
CA ARG B 19 -15.76 -12.04 -3.27
C ARG B 19 -16.10 -13.27 -4.12
N THR B 20 -17.29 -13.82 -3.93
CA THR B 20 -17.76 -14.95 -4.68
C THR B 20 -19.01 -14.56 -5.47
N SER B 21 -19.22 -15.35 -6.51
CA SER B 21 -20.38 -15.20 -7.40
C SER B 21 -21.66 -15.53 -6.63
N THR B 22 -21.69 -16.69 -6.00
CA THR B 22 -22.83 -17.12 -5.17
C THR B 22 -22.26 -18.05 -4.09
N ASN B 23 -22.98 -18.14 -2.99
CA ASN B 23 -22.70 -19.06 -1.91
C ASN B 23 -23.91 -19.93 -1.63
N TYR B 24 -23.69 -21.23 -1.61
CA TYR B 24 -24.79 -22.22 -1.39
C TYR B 24 -25.69 -21.83 -0.23
N ASN B 25 -25.09 -21.56 0.92
CA ASN B 25 -25.77 -20.83 1.98
C ASN B 25 -24.70 -20.21 2.88
N GLY B 26 -25.11 -19.79 4.07
CA GLY B 26 -24.26 -19.01 4.94
C GLY B 26 -23.15 -19.77 5.64
N VAL B 27 -23.11 -21.12 5.52
CA VAL B 27 -22.00 -21.95 6.01
C VAL B 27 -21.29 -22.67 4.92
N HIS B 28 -21.42 -22.15 3.68
CA HIS B 28 -20.65 -22.67 2.54
C HIS B 28 -19.94 -21.50 1.83
N THR B 29 -19.58 -20.48 2.60
CA THR B 29 -19.09 -19.22 2.01
C THR B 29 -17.58 -19.25 1.87
N GLN B 30 -17.03 -18.15 1.34
CA GLN B 30 -15.60 -17.98 1.25
C GLN B 30 -14.88 -17.92 2.60
N PHE B 31 -15.60 -17.83 3.72
CA PHE B 31 -14.96 -18.00 5.03
C PHE B 31 -14.31 -19.40 5.16
N ASN B 32 -14.81 -20.33 4.36
CA ASN B 32 -14.38 -21.72 4.39
C ASN B 32 -13.44 -22.10 3.25
N SER B 33 -12.78 -21.11 2.63
CA SER B 33 -12.12 -21.33 1.35
C SER B 33 -10.64 -21.58 1.45
N ALA B 34 -10.02 -21.39 2.61
CA ALA B 34 -8.55 -21.51 2.69
C ALA B 34 -8.12 -22.97 2.44
N LEU B 35 -7.03 -23.08 1.76
CA LEU B 35 -6.42 -24.39 1.55
C LEU B 35 -6.33 -25.12 2.89
N ASN B 36 -6.70 -26.40 2.90
CA ASN B 36 -6.63 -27.20 4.11
C ASN B 36 -7.57 -26.81 5.23
N TYR B 37 -8.54 -25.93 4.95
CA TYR B 37 -9.57 -25.58 5.93
C TYR B 37 -10.29 -26.85 6.39
N LYS B 38 -10.36 -27.03 7.68
CA LYS B 38 -11.13 -28.12 8.25
C LYS B 38 -12.02 -27.59 9.39
N ASN B 39 -13.22 -28.16 9.50
CA ASN B 39 -14.17 -27.68 10.49
C ASN B 39 -14.60 -28.83 11.42
N ASN B 40 -15.75 -28.65 12.08
CA ASN B 40 -16.22 -29.60 13.05
C ASN B 40 -16.92 -30.72 12.31
N GLY B 41 -16.23 -31.84 12.23
CA GLY B 41 -16.84 -33.03 11.64
C GLY B 41 -17.94 -33.70 12.47
N THR B 42 -18.13 -33.31 13.71
CA THR B 42 -19.18 -33.96 14.53
C THR B 42 -20.46 -33.09 14.61
N ASN B 43 -20.45 -31.93 13.96
CA ASN B 43 -21.58 -31.00 13.96
C ASN B 43 -21.80 -30.55 12.53
N THR B 44 -22.97 -30.78 12.00
CA THR B 44 -23.33 -30.34 10.66
C THR B 44 -23.52 -28.84 10.47
N ILE B 45 -23.74 -28.13 11.56
CA ILE B 45 -24.22 -26.74 11.46
C ILE B 45 -23.17 -25.77 10.95
N ASP B 46 -21.88 -26.09 11.08
CA ASP B 46 -20.84 -25.19 10.55
C ASP B 46 -20.49 -25.39 9.06
N GLY B 47 -21.23 -26.26 8.36
CA GLY B 47 -21.17 -26.37 6.93
C GLY B 47 -20.01 -27.12 6.28
N SER B 48 -19.60 -26.63 5.12
CA SER B 48 -18.72 -27.37 4.24
C SER B 48 -17.25 -27.01 4.47
N GLU B 49 -16.37 -27.97 4.23
CA GLU B 49 -14.94 -27.70 4.15
C GLU B 49 -14.59 -27.27 2.70
N ALA B 50 -15.12 -26.12 2.35
CA ALA B 50 -15.04 -25.49 1.01
C ALA B 50 -15.91 -24.27 0.94
N TRP B 51 -15.57 -23.41 -0.03
CA TRP B 51 -16.55 -22.53 -0.64
C TRP B 51 -17.33 -23.35 -1.66
N CYS B 52 -18.66 -23.31 -1.60
CA CYS B 52 -19.55 -23.97 -2.59
C CYS B 52 -20.53 -22.96 -3.12
N SER B 53 -20.69 -22.96 -4.43
CA SER B 53 -21.61 -22.04 -5.07
C SER B 53 -23.06 -22.45 -4.85
N SER B 54 -23.97 -21.52 -5.13
N SER B 54 -23.99 -21.53 -5.11
CA SER B 54 -25.39 -21.81 -5.12
CA SER B 54 -25.42 -21.86 -5.13
C SER B 54 -25.88 -22.17 -6.51
C SER B 54 -25.97 -22.11 -6.52
N ILE B 55 -25.44 -21.44 -7.54
CA ILE B 55 -25.76 -21.77 -8.92
C ILE B 55 -24.64 -22.67 -9.46
N VAL B 56 -25.03 -23.76 -10.13
CA VAL B 56 -24.07 -24.70 -10.68
C VAL B 56 -24.07 -24.52 -12.20
N ASP B 57 -23.12 -23.73 -12.68
CA ASP B 57 -22.98 -23.46 -14.10
C ASP B 57 -21.54 -23.02 -14.33
N THR B 58 -21.21 -22.57 -15.55
CA THR B 58 -19.82 -22.25 -15.89
C THR B 58 -19.52 -20.78 -15.65
N ASN B 59 -20.38 -20.12 -14.90
CA ASN B 59 -20.30 -18.67 -14.66
C ASN B 59 -19.96 -18.29 -13.22
N GLN B 60 -19.56 -19.28 -12.42
CA GLN B 60 -19.20 -19.01 -11.03
C GLN B 60 -17.74 -18.61 -10.89
N TYR B 61 -17.41 -17.98 -9.76
CA TYR B 61 -16.03 -17.57 -9.50
C TYR B 61 -15.82 -17.19 -8.04
N ILE B 62 -14.55 -17.18 -7.67
CA ILE B 62 -14.08 -16.60 -6.44
C ILE B 62 -12.98 -15.63 -6.84
N VAL B 63 -13.10 -14.39 -6.37
CA VAL B 63 -12.15 -13.30 -6.66
C VAL B 63 -11.38 -12.99 -5.38
N ALA B 64 -10.05 -12.92 -5.48
CA ALA B 64 -9.18 -12.47 -4.43
C ALA B 64 -8.62 -11.12 -4.84
N GLY B 65 -8.79 -10.13 -4.00
CA GLY B 65 -8.34 -8.77 -4.29
C GLY B 65 -7.32 -8.24 -3.32
N CYS B 66 -6.23 -7.73 -3.88
CA CYS B 66 -5.16 -7.08 -3.14
C CYS B 66 -5.03 -5.67 -3.64
N GLU B 67 -4.93 -4.71 -2.73
CA GLU B 67 -4.73 -3.31 -3.11
C GLU B 67 -3.28 -3.00 -3.52
N VAL B 68 -2.35 -3.82 -3.03
CA VAL B 68 -0.92 -3.65 -3.31
C VAL B 68 -0.60 -4.69 -4.37
N PRO B 69 -0.06 -4.27 -5.52
CA PRO B 69 0.23 -5.26 -6.59
C PRO B 69 1.21 -6.35 -6.14
N ARG B 70 0.94 -7.56 -6.63
CA ARG B 70 1.69 -8.75 -6.34
C ARG B 70 2.14 -9.47 -7.60
N THR B 71 3.17 -10.27 -7.43
CA THR B 71 3.61 -11.17 -8.45
C THR B 71 3.14 -12.55 -8.03
N PHE B 72 2.09 -13.00 -8.73
CA PHE B 72 1.47 -14.31 -8.51
C PHE B 72 2.28 -15.40 -9.20
N MET B 73 2.81 -16.31 -8.39
CA MET B 73 3.64 -17.42 -8.84
C MET B 73 2.84 -18.68 -9.12
N CYS B 74 1.83 -18.92 -8.31
CA CYS B 74 1.19 -20.24 -8.23
C CYS B 74 -0.22 -20.08 -7.68
N VAL B 75 -1.16 -20.88 -8.18
CA VAL B 75 -2.46 -21.06 -7.57
C VAL B 75 -2.62 -22.53 -7.25
N ALA B 76 -3.06 -22.82 -6.03
CA ALA B 76 -3.32 -24.19 -5.57
C ALA B 76 -4.81 -24.39 -5.47
N LEU B 77 -5.29 -25.51 -6.01
CA LEU B 77 -6.68 -25.92 -5.89
C LEU B 77 -6.78 -27.19 -5.05
N GLN B 78 -7.92 -27.32 -4.35
CA GLN B 78 -8.20 -28.48 -3.53
C GLN B 78 -9.71 -28.68 -3.53
N GLY B 79 -10.15 -29.93 -3.37
CA GLY B 79 -11.60 -30.17 -3.31
C GLY B 79 -12.19 -29.88 -1.96
N ARG B 80 -13.45 -30.28 -1.81
CA ARG B 80 -14.15 -30.14 -0.57
C ARG B 80 -13.77 -31.29 0.37
N GLY B 81 -13.48 -30.92 1.63
CA GLY B 81 -12.94 -31.85 2.61
C GLY B 81 -13.94 -32.91 3.06
N ASP B 82 -15.23 -32.53 3.03
CA ASP B 82 -16.24 -33.38 3.72
C ASP B 82 -17.25 -34.06 2.79
N ALA B 83 -17.11 -33.88 1.49
CA ALA B 83 -17.96 -34.53 0.52
C ALA B 83 -17.26 -34.62 -0.82
N ASP B 84 -17.73 -35.51 -1.70
CA ASP B 84 -17.05 -35.78 -2.95
C ASP B 84 -17.43 -34.76 -3.97
N GLN B 85 -16.99 -33.55 -3.71
CA GLN B 85 -17.22 -32.41 -4.61
C GLN B 85 -15.88 -31.71 -4.85
N TRP B 86 -15.56 -31.48 -6.11
CA TRP B 86 -14.29 -30.81 -6.45
C TRP B 86 -14.33 -30.26 -7.85
N VAL B 87 -13.41 -29.33 -8.13
CA VAL B 87 -13.30 -28.69 -9.42
C VAL B 87 -12.17 -29.32 -10.26
N THR B 88 -12.55 -29.86 -11.41
CA THR B 88 -11.63 -30.67 -12.23
C THR B 88 -10.80 -29.81 -13.20
N SER B 89 -11.34 -28.65 -13.55
CA SER B 89 -10.62 -27.68 -14.40
C SER B 89 -11.20 -26.29 -14.20
N TYR B 90 -10.42 -25.28 -14.54
CA TYR B 90 -10.83 -23.89 -14.33
C TYR B 90 -10.05 -22.96 -15.22
N LYS B 91 -10.54 -21.74 -15.36
CA LYS B 91 -9.73 -20.70 -15.96
C LYS B 91 -9.40 -19.63 -14.92
N ILE B 92 -8.40 -18.82 -15.26
CA ILE B 92 -7.91 -17.76 -14.39
C ILE B 92 -8.05 -16.44 -15.11
N ARG B 93 -8.57 -15.44 -14.41
CA ARG B 93 -8.64 -14.10 -14.93
C ARG B 93 -7.96 -13.19 -13.91
N TYR B 94 -7.48 -12.03 -14.35
CA TYR B 94 -6.77 -11.13 -13.46
C TYR B 94 -6.80 -9.72 -13.95
N SER B 95 -6.52 -8.82 -13.02
CA SER B 95 -6.39 -7.39 -13.32
C SER B 95 -5.30 -6.75 -12.50
N LEU B 96 -4.47 -5.94 -13.15
CA LEU B 96 -3.44 -5.15 -12.43
C LEU B 96 -4.01 -3.78 -12.01
N ASP B 97 -4.65 -3.05 -12.93
CA ASP B 97 -5.18 -1.69 -12.63
C ASP B 97 -6.65 -1.65 -12.11
N ASN B 98 -7.30 -2.81 -12.06
CA ASN B 98 -8.69 -2.95 -11.61
C ASN B 98 -9.66 -2.20 -12.49
N VAL B 99 -9.28 -2.01 -13.74
CA VAL B 99 -10.13 -1.41 -14.78
C VAL B 99 -10.20 -2.38 -15.95
N SER B 100 -9.05 -2.82 -16.46
CA SER B 100 -8.97 -3.83 -17.50
C SER B 100 -8.60 -5.19 -16.93
N TRP B 101 -9.40 -6.19 -17.30
CA TRP B 101 -9.17 -7.58 -16.90
C TRP B 101 -8.68 -8.38 -18.09
N PHE B 102 -7.90 -9.41 -17.76
CA PHE B 102 -7.30 -10.30 -18.75
C PHE B 102 -7.48 -11.77 -18.33
N GLU B 103 -7.40 -12.66 -19.30
CA GLU B 103 -7.50 -14.09 -19.07
C GLU B 103 -6.15 -14.72 -19.26
N TYR B 104 -5.74 -15.49 -18.26
CA TYR B 104 -4.58 -16.35 -18.35
C TYR B 104 -4.79 -17.34 -19.50
N ARG B 105 -3.74 -17.52 -20.32
CA ARG B 105 -3.78 -18.48 -21.44
C ARG B 105 -4.94 -18.21 -22.36
N ASN B 106 -5.31 -16.94 -22.48
CA ASN B 106 -6.43 -16.54 -23.30
CA ASN B 106 -6.48 -16.50 -23.26
C ASN B 106 -7.73 -17.32 -22.94
N GLY B 107 -7.86 -17.70 -21.69
CA GLY B 107 -9.07 -18.36 -21.19
C GLY B 107 -9.06 -19.86 -21.26
N ALA B 108 -7.94 -20.45 -21.64
CA ALA B 108 -7.85 -21.90 -21.77
C ALA B 108 -7.91 -22.50 -20.37
N ALA B 109 -8.39 -23.75 -20.31
CA ALA B 109 -8.51 -24.50 -19.06
C ALA B 109 -7.19 -24.87 -18.41
N VAL B 110 -7.18 -24.80 -17.08
CA VAL B 110 -6.05 -25.18 -16.24
C VAL B 110 -6.58 -26.40 -15.49
N THR B 111 -5.71 -27.40 -15.34
CA THR B 111 -6.06 -28.65 -14.68
C THR B 111 -6.24 -28.45 -13.19
N GLY B 112 -7.40 -28.89 -12.72
CA GLY B 112 -7.76 -28.88 -11.30
C GLY B 112 -7.44 -30.20 -10.59
N VAL B 113 -8.37 -30.63 -9.75
CA VAL B 113 -8.11 -31.70 -8.82
C VAL B 113 -8.98 -32.91 -9.19
N THR B 114 -8.68 -34.02 -8.55
CA THR B 114 -9.37 -35.31 -8.82
C THR B 114 -9.89 -36.04 -7.57
N ASP B 115 -9.85 -35.36 -6.44
CA ASP B 115 -10.29 -35.94 -5.15
C ASP B 115 -10.54 -34.79 -4.15
N ARG B 116 -10.88 -35.15 -2.92
CA ARG B 116 -11.22 -34.18 -1.89
C ARG B 116 -10.05 -33.32 -1.41
N ASN B 117 -8.90 -33.96 -1.18
CA ASN B 117 -7.87 -33.37 -0.35
C ASN B 117 -6.47 -33.16 -0.98
N THR B 118 -6.21 -33.84 -2.09
CA THR B 118 -4.90 -33.73 -2.71
C THR B 118 -4.81 -32.43 -3.49
N VAL B 119 -3.87 -31.60 -3.05
CA VAL B 119 -3.67 -30.27 -3.58
C VAL B 119 -2.97 -30.40 -4.93
N VAL B 120 -3.46 -29.62 -5.91
CA VAL B 120 -2.82 -29.51 -7.21
C VAL B 120 -2.39 -28.05 -7.44
N ASN B 121 -1.07 -27.84 -7.49
CA ASN B 121 -0.48 -26.55 -7.69
C ASN B 121 -0.40 -26.27 -9.18
N HIS B 122 -0.74 -25.04 -9.57
CA HIS B 122 -0.46 -24.62 -10.91
C HIS B 122 0.43 -23.40 -10.90
N PHE B 123 1.65 -23.56 -11.40
CA PHE B 123 2.57 -22.42 -11.51
C PHE B 123 2.32 -21.79 -12.83
N PHE B 124 2.01 -20.50 -12.83
CA PHE B 124 1.66 -19.82 -14.05
C PHE B 124 2.85 -19.84 -15.01
N ASP B 125 2.52 -19.99 -16.30
CA ASP B 125 3.49 -20.13 -17.39
C ASP B 125 4.55 -19.03 -17.28
N THR B 126 4.09 -17.81 -16.99
CA THR B 126 4.91 -16.65 -16.57
C THR B 126 4.24 -16.05 -15.35
N PRO B 127 4.99 -15.65 -14.31
CA PRO B 127 4.33 -15.02 -13.16
C PRO B 127 3.44 -13.85 -13.56
N ILE B 128 2.33 -13.67 -12.85
CA ILE B 128 1.31 -12.70 -13.21
C ILE B 128 1.38 -11.51 -12.24
N ARG B 129 1.61 -10.33 -12.78
CA ARG B 129 1.60 -9.12 -12.01
C ARG B 129 0.18 -8.59 -11.94
N ALA B 130 -0.45 -8.56 -10.76
CA ALA B 130 -1.85 -8.19 -10.64
C ALA B 130 -2.21 -7.71 -9.25
N ARG B 131 -3.36 -7.04 -9.15
CA ARG B 131 -3.98 -6.73 -7.86
C ARG B 131 -5.08 -7.76 -7.54
N SER B 132 -5.94 -8.04 -8.52
CA SER B 132 -7.01 -8.98 -8.31
C SER B 132 -6.91 -10.19 -9.28
N ILE B 133 -7.35 -11.34 -8.78
CA ILE B 133 -7.22 -12.61 -9.49
C ILE B 133 -8.46 -13.47 -9.16
N ALA B 134 -8.96 -14.22 -10.14
CA ALA B 134 -10.19 -14.99 -9.96
C ALA B 134 -10.05 -16.38 -10.56
N ILE B 135 -10.57 -17.35 -9.82
CA ILE B 135 -10.71 -18.75 -10.27
C ILE B 135 -12.15 -18.92 -10.77
N HIS B 136 -12.28 -19.34 -12.05
CA HIS B 136 -13.56 -19.53 -12.71
C HIS B 136 -13.69 -21.03 -13.03
N PRO B 137 -14.42 -21.78 -12.18
CA PRO B 137 -14.53 -23.22 -12.46
C PRO B 137 -15.17 -23.48 -13.82
N LEU B 138 -14.65 -24.47 -14.56
CA LEU B 138 -15.18 -24.82 -15.89
C LEU B 138 -15.81 -26.22 -15.89
N THR B 139 -15.20 -27.14 -15.14
CA THR B 139 -15.72 -28.50 -14.95
C THR B 139 -15.56 -28.93 -13.50
N TRP B 140 -16.44 -29.80 -13.07
CA TRP B 140 -16.46 -30.22 -11.68
C TRP B 140 -17.08 -31.61 -11.49
N ASN B 141 -16.80 -32.16 -10.33
CA ASN B 141 -17.39 -33.43 -9.90
C ASN B 141 -18.35 -33.12 -8.82
N GLY B 142 -19.62 -33.42 -9.04
CA GLY B 142 -20.65 -33.35 -7.98
C GLY B 142 -21.20 -31.94 -7.79
N HIS B 143 -20.32 -30.98 -7.55
CA HIS B 143 -20.73 -29.59 -7.26
C HIS B 143 -19.53 -28.68 -7.46
N ILE B 144 -19.79 -27.38 -7.62
CA ILE B 144 -18.70 -26.39 -7.62
C ILE B 144 -18.31 -26.05 -6.20
N SER B 145 -17.26 -26.73 -5.74
CA SER B 145 -16.82 -26.68 -4.36
C SER B 145 -15.30 -26.73 -4.33
N LEU B 146 -14.67 -25.80 -3.63
CA LEU B 146 -13.17 -25.76 -3.61
C LEU B 146 -12.61 -25.11 -2.34
N ARG B 147 -11.36 -25.45 -2.07
CA ARG B 147 -10.48 -24.67 -1.24
C ARG B 147 -9.28 -24.26 -2.12
N CYS B 148 -8.65 -23.14 -1.79
CA CYS B 148 -7.57 -22.64 -2.64
C CYS B 148 -6.54 -21.79 -1.91
N GLU B 149 -5.44 -21.55 -2.61
CA GLU B 149 -4.44 -20.60 -2.16
C GLU B 149 -3.74 -19.96 -3.33
N PHE B 150 -3.33 -18.72 -3.15
CA PHE B 150 -2.52 -18.01 -4.12
C PHE B 150 -1.17 -17.72 -3.45
N TYR B 151 -0.06 -17.96 -4.17
CA TYR B 151 1.26 -17.77 -3.65
C TYR B 151 1.93 -16.66 -4.43
N THR B 152 2.39 -15.64 -3.71
CA THR B 152 2.98 -14.46 -4.34
C THR B 152 4.39 -14.27 -3.83
N GLN B 153 5.21 -13.52 -4.56
CA GLN B 153 6.49 -13.08 -4.00
C GLN B 153 6.22 -12.16 -2.81
N PRO B 154 7.11 -12.14 -1.82
CA PRO B 154 6.95 -11.19 -0.78
C PRO B 154 6.94 -9.77 -1.35
N VAL B 155 6.18 -8.88 -0.72
CA VAL B 155 6.09 -7.50 -1.18
C VAL B 155 6.92 -6.68 -0.24
N GLN B 156 7.40 -5.54 -0.73
CA GLN B 156 8.02 -4.51 0.11
CA GLN B 156 8.02 -4.52 0.10
C GLN B 156 7.20 -3.25 0.04
N SER B 157 7.13 -2.54 1.16
CA SER B 157 6.41 -1.28 1.22
C SER B 157 7.39 -0.19 1.64
N SER B 158 7.47 0.87 0.88
CA SER B 158 8.26 1.99 1.25
C SER B 158 7.41 3.23 1.47
N VAL B 159 7.92 4.11 2.30
CA VAL B 159 7.32 5.44 2.49
C VAL B 159 8.44 6.44 2.29
N THR B 160 8.19 7.42 1.44
CA THR B 160 9.20 8.41 1.05
C THR B 160 8.73 9.85 1.36
N GLN B 161 9.64 10.67 1.90
CA GLN B 161 9.43 12.09 2.05
C GLN B 161 10.57 12.81 1.33
N VAL B 162 10.16 13.82 0.54
CA VAL B 162 11.06 14.70 -0.17
C VAL B 162 11.05 16.00 0.56
N GLY B 163 12.25 16.55 0.77
CA GLY B 163 12.37 17.85 1.38
C GLY B 163 13.23 18.75 0.51
N ALA B 164 12.75 19.95 0.21
CA ALA B 164 13.46 20.82 -0.72
C ALA B 164 14.25 21.95 -0.07
N ASP B 165 15.41 22.26 -0.63
CA ASP B 165 16.04 23.55 -0.49
C ASP B 165 16.61 23.79 0.93
N ILE B 166 17.27 22.80 1.48
CA ILE B 166 18.02 22.98 2.74
C ILE B 166 19.26 23.82 2.37
N TYR B 167 19.49 24.92 3.06
CA TYR B 167 20.43 25.96 2.60
C TYR B 167 21.37 26.41 3.71
N THR B 168 22.63 26.65 3.34
CA THR B 168 23.62 27.16 4.29
C THR B 168 23.33 28.60 4.72
N GLY B 169 22.67 29.35 3.84
CA GLY B 169 22.58 30.81 3.92
C GLY B 169 23.66 31.40 3.01
N ASP B 170 23.47 32.65 2.57
CA ASP B 170 24.49 33.38 1.80
C ASP B 170 25.74 33.67 2.67
N ASN B 171 26.92 33.63 2.05
CA ASN B 171 28.16 33.94 2.74
C ASN B 171 28.28 33.19 4.05
N CYS B 172 28.11 31.88 4.01
CA CYS B 172 28.05 31.09 5.24
C CYS B 172 29.46 30.91 5.85
N ALA B 173 29.50 30.24 6.99
CA ALA B 173 30.74 30.11 7.73
C ALA B 173 31.81 29.34 6.97
N LEU B 174 31.41 28.56 5.96
CA LEU B 174 32.35 27.82 5.14
C LEU B 174 33.14 28.77 4.22
N ASN B 175 32.80 30.05 4.24
CA ASN B 175 33.42 31.02 3.34
C ASN B 175 34.65 31.70 3.96
N THR B 176 35.03 31.26 5.16
CA THR B 176 36.29 31.67 5.81
C THR B 176 36.96 30.48 6.45
N GLY B 177 38.24 30.63 6.76
CA GLY B 177 38.94 29.63 7.55
C GLY B 177 39.57 28.55 6.68
N SER B 178 40.31 27.66 7.35
CA SER B 178 41.06 26.57 6.75
C SER B 178 40.76 25.27 7.43
N GLY B 179 40.95 24.18 6.70
CA GLY B 179 40.79 22.82 7.24
C GLY B 179 39.34 22.40 7.16
N LYS B 180 39.02 21.26 7.76
CA LYS B 180 37.63 20.74 7.72
C LYS B 180 36.70 21.71 8.47
N ARG B 181 35.66 22.17 7.79
CA ARG B 181 34.66 23.10 8.34
C ARG B 181 33.28 22.64 7.92
N GLU B 182 32.33 22.81 8.82
CA GLU B 182 30.94 22.31 8.64
C GLU B 182 29.97 23.38 9.07
N VAL B 183 28.84 23.43 8.37
CA VAL B 183 27.64 24.17 8.75
C VAL B 183 26.48 23.15 8.86
N VAL B 184 25.86 23.10 10.02
CA VAL B 184 24.85 22.09 10.30
C VAL B 184 23.48 22.71 10.30
N VAL B 185 22.59 22.14 9.49
CA VAL B 185 21.20 22.61 9.45
C VAL B 185 20.31 21.42 9.89
N PRO B 186 19.72 21.50 11.10
CA PRO B 186 18.81 20.42 11.49
C PRO B 186 17.57 20.40 10.60
N VAL B 187 17.10 19.19 10.30
CA VAL B 187 15.95 19.00 9.43
C VAL B 187 14.97 18.09 10.17
N LYS B 188 13.71 18.49 10.24
CA LYS B 188 12.66 17.64 10.79
C LYS B 188 11.74 17.19 9.68
N PHE B 189 11.50 15.89 9.59
CA PHE B 189 10.60 15.42 8.55
C PHE B 189 9.19 15.93 8.85
N GLN B 190 8.41 16.13 7.82
CA GLN B 190 7.01 16.55 7.96
C GLN B 190 6.23 15.57 8.84
N PHE B 191 6.47 14.28 8.70
CA PHE B 191 5.93 13.31 9.67
C PHE B 191 6.98 12.32 10.09
N GLU B 192 6.79 11.70 11.26
CA GLU B 192 7.76 10.78 11.77
C GLU B 192 7.61 9.44 11.06
N PHE B 193 8.70 8.89 10.56
CA PHE B 193 8.69 7.59 9.97
C PHE B 193 8.44 6.48 11.00
N ALA B 194 7.83 5.38 10.55
CA ALA B 194 7.60 4.21 11.42
C ALA B 194 8.84 3.39 11.74
N THR B 195 9.78 3.39 10.78
CA THR B 195 11.06 2.73 10.89
C THR B 195 12.14 3.71 10.40
N LEU B 196 13.38 3.37 10.68
CA LEU B 196 14.52 4.23 10.34
C LEU B 196 14.71 4.40 8.85
N PRO B 197 14.70 5.65 8.38
CA PRO B 197 14.89 5.87 6.93
C PRO B 197 16.36 5.91 6.47
N LYS B 198 16.56 5.75 5.16
CA LYS B 198 17.83 6.05 4.52
C LYS B 198 17.61 7.35 3.79
N VAL B 199 18.66 8.16 3.69
CA VAL B 199 18.51 9.55 3.21
C VAL B 199 19.55 9.83 2.11
N ALA B 200 19.05 10.24 0.97
CA ALA B 200 19.81 10.82 -0.14
C ALA B 200 19.72 12.33 0.05
N LEU B 201 20.85 13.01 -0.08
CA LEU B 201 20.94 14.47 0.15
C LEU B 201 21.99 15.00 -0.78
N ASN B 202 21.53 15.70 -1.80
CA ASN B 202 22.35 15.99 -2.99
C ASN B 202 22.21 17.48 -3.39
N PHE B 203 23.25 18.02 -4.04
CA PHE B 203 23.29 19.43 -4.36
C PHE B 203 22.29 19.87 -5.41
N ASP B 204 21.67 21.04 -5.19
CA ASP B 204 20.96 21.77 -6.25
C ASP B 204 21.46 23.22 -6.45
N GLN B 205 22.35 23.73 -5.58
CA GLN B 205 22.92 25.05 -5.85
C GLN B 205 24.28 25.12 -5.20
N ILE B 206 25.27 25.53 -5.99
CA ILE B 206 26.65 25.58 -5.53
C ILE B 206 27.24 26.98 -5.83
N ASP B 207 27.85 27.59 -4.80
CA ASP B 207 28.49 28.91 -4.95
C ASP B 207 29.78 28.86 -4.15
N CYS B 208 30.89 28.59 -4.82
CA CYS B 208 32.13 28.30 -4.10
C CYS B 208 33.36 28.79 -4.84
N THR B 209 34.46 28.97 -4.10
CA THR B 209 35.73 29.36 -4.69
C THR B 209 36.67 28.15 -4.79
N ASP B 210 37.40 28.06 -5.89
CA ASP B 210 38.44 27.08 -5.97
C ASP B 210 39.65 27.46 -5.12
N ALA B 211 40.48 26.46 -4.83
CA ALA B 211 41.70 26.61 -4.02
C ALA B 211 42.80 25.90 -4.83
N THR B 212 43.72 26.69 -5.40
CA THR B 212 44.70 26.22 -6.38
C THR B 212 44.03 25.27 -7.41
N ASN B 213 42.95 25.78 -8.00
CA ASN B 213 42.15 25.12 -9.00
C ASN B 213 41.32 23.94 -8.55
N GLN B 214 41.31 23.66 -7.26
CA GLN B 214 40.55 22.51 -6.75
C GLN B 214 39.21 22.95 -6.17
N THR B 215 38.16 22.21 -6.49
CA THR B 215 36.83 22.36 -5.86
C THR B 215 36.70 21.23 -4.84
N ARG B 216 36.26 21.57 -3.62
CA ARG B 216 36.05 20.62 -2.52
C ARG B 216 34.76 21.03 -1.82
N ILE B 217 33.71 20.23 -2.01
CA ILE B 217 32.39 20.51 -1.40
C ILE B 217 31.74 19.18 -1.04
N GLY B 218 30.92 19.22 0.01
CA GLY B 218 30.21 18.06 0.45
C GLY B 218 28.96 18.38 1.23
N VAL B 219 28.08 17.39 1.25
CA VAL B 219 26.86 17.51 2.04
C VAL B 219 26.50 16.08 2.43
N GLN B 220 26.07 15.92 3.67
CA GLN B 220 25.84 14.58 4.23
C GLN B 220 24.91 14.63 5.44
N PRO B 221 23.99 13.65 5.53
CA PRO B 221 23.23 13.55 6.78
C PRO B 221 24.03 13.03 7.94
N ARG B 222 23.67 13.48 9.12
CA ARG B 222 24.24 12.92 10.35
C ARG B 222 23.12 12.75 11.39
N ASN B 223 23.20 11.69 12.19
CA ASN B 223 22.24 11.46 13.27
C ASN B 223 20.85 11.29 12.72
N ILE B 224 20.72 10.48 11.68
CA ILE B 224 19.40 10.20 11.07
C ILE B 224 18.58 9.42 12.13
N THR B 225 17.38 9.90 12.41
CA THR B 225 16.39 9.18 13.22
C THR B 225 15.07 9.10 12.45
N THR B 226 14.04 8.52 13.08
CA THR B 226 12.72 8.54 12.48
C THR B 226 12.08 9.92 12.35
N LYS B 227 12.61 10.90 13.06
CA LYS B 227 12.05 12.24 13.14
C LYS B 227 12.74 13.25 12.23
N GLY B 228 14.00 12.99 11.87
CA GLY B 228 14.79 13.96 11.10
C GLY B 228 16.26 13.63 11.12
N PHE B 229 17.08 14.63 10.79
CA PHE B 229 18.50 14.43 10.70
C PHE B 229 19.18 15.79 10.64
N ASP B 230 20.50 15.79 10.79
CA ASP B 230 21.31 16.99 10.69
C ASP B 230 21.90 17.02 9.29
N CYS B 231 21.56 18.06 8.54
CA CYS B 231 22.17 18.30 7.23
C CYS B 231 23.49 19.00 7.39
N VAL B 232 24.56 18.27 7.12
CA VAL B 232 25.93 18.77 7.31
C VAL B 232 26.52 19.19 5.99
N PHE B 233 26.66 20.50 5.79
CA PHE B 233 27.37 21.04 4.63
C PHE B 233 28.83 21.24 5.03
N TYR B 234 29.77 20.95 4.15
CA TYR B 234 31.19 21.07 4.54
C TYR B 234 32.14 21.33 3.38
N THR B 235 33.34 21.80 3.74
CA THR B 235 34.46 21.95 2.81
C THR B 235 35.66 21.63 3.64
N TRP B 236 36.82 21.59 3.04
CA TRP B 236 38.04 21.28 3.77
C TRP B 236 39.21 21.93 3.05
N ASN B 237 40.41 21.70 3.54
CA ASN B 237 41.59 22.35 2.98
C ASN B 237 41.41 23.87 3.02
N GLU B 238 41.89 24.59 2.00
CA GLU B 238 41.81 26.05 1.97
C GLU B 238 40.57 26.60 1.28
N ASN B 239 39.64 25.74 0.90
CA ASN B 239 38.54 26.19 0.08
C ASN B 239 37.58 27.08 0.84
N LYS B 240 37.02 28.04 0.13
CA LYS B 240 36.04 28.97 0.67
C LYS B 240 34.77 28.75 -0.08
N VAL B 241 33.69 28.47 0.64
CA VAL B 241 32.42 28.15 0.07
C VAL B 241 31.40 29.18 0.55
N TYR B 242 30.83 29.91 -0.39
CA TYR B 242 29.91 31.01 -0.04
C TYR B 242 28.57 30.44 0.35
N SER B 243 28.10 29.44 -0.41
CA SER B 243 26.86 28.77 -0.05
C SER B 243 26.69 27.44 -0.72
N LEU B 244 25.84 26.63 -0.12
CA LEU B 244 25.47 25.34 -0.67
C LEU B 244 23.98 25.11 -0.36
N ARG B 245 23.28 24.51 -1.33
CA ARG B 245 21.87 24.09 -1.18
C ARG B 245 21.72 22.63 -1.62
N ALA B 246 20.83 21.91 -0.93
CA ALA B 246 20.55 20.52 -1.22
C ALA B 246 19.06 20.20 -1.04
N ASP B 247 18.58 19.21 -1.80
CA ASP B 247 17.29 18.59 -1.57
C ASP B 247 17.55 17.21 -0.97
N TYR B 248 16.62 16.71 -0.16
CA TYR B 248 16.75 15.37 0.33
C TYR B 248 15.59 14.49 -0.03
N ILE B 249 15.89 13.20 -0.04
CA ILE B 249 14.90 12.15 -0.25
C ILE B 249 15.13 11.11 0.83
N ALA B 250 14.15 10.92 1.68
CA ALA B 250 14.23 10.01 2.82
C ALA B 250 13.21 8.89 2.60
N THR B 251 13.66 7.66 2.67
CA THR B 251 12.76 6.50 2.49
C THR B 251 12.90 5.47 3.58
N ALA B 252 11.77 5.04 4.15
CA ALA B 252 11.76 4.00 5.13
C ALA B 252 11.04 2.82 4.56
N LEU B 253 11.49 1.63 4.95
CA LEU B 253 10.97 0.37 4.44
C LEU B 253 10.21 -0.41 5.51
N GLU B 254 9.18 -1.13 5.07
CA GLU B 254 8.47 -2.09 5.90
C GLU B 254 7.95 -1.45 7.16
N MET C 2 -9.57 7.10 26.26
CA MET C 2 -8.50 8.07 25.89
C MET C 2 -7.13 7.42 25.81
N SER C 3 -6.97 6.22 26.36
CA SER C 3 -5.68 5.51 26.28
C SER C 3 -5.26 5.23 24.83
N THR C 4 -6.25 5.09 23.96
CA THR C 4 -6.01 4.80 22.56
C THR C 4 -6.27 6.04 21.70
N GLN C 5 -6.28 7.22 22.32
CA GLN C 5 -6.50 8.47 21.60
C GLN C 5 -5.48 8.56 20.48
N GLY C 6 -5.95 8.95 19.30
CA GLY C 6 -5.08 9.18 18.18
C GLY C 6 -4.66 7.95 17.39
N LEU C 7 -5.13 6.79 17.80
CA LEU C 7 -4.80 5.56 17.10
C LEU C 7 -5.95 5.15 16.19
N VAL C 8 -5.61 4.34 15.19
CA VAL C 8 -6.59 3.81 14.28
C VAL C 8 -7.19 2.56 14.89
N GLN C 9 -8.52 2.54 14.92
CA GLN C 9 -9.29 1.34 15.26
C GLN C 9 -9.44 0.50 13.99
N LEU C 10 -8.64 -0.54 13.87
CA LEU C 10 -8.54 -1.23 12.58
C LEU C 10 -9.82 -1.87 12.06
N LEU C 11 -10.45 -2.74 12.88
CA LEU C 11 -11.70 -3.37 12.47
C LEU C 11 -12.83 -2.37 12.26
N ALA C 12 -12.94 -1.37 13.11
CA ALA C 12 -14.02 -0.38 13.00
C ALA C 12 -13.92 0.37 11.69
N ASN C 13 -12.67 0.60 11.24
CA ASN C 13 -12.41 1.26 9.96
C ASN C 13 -12.34 0.33 8.75
N ALA C 14 -12.62 -0.97 8.96
CA ALA C 14 -12.60 -1.98 7.90
C ALA C 14 -11.24 -2.01 7.18
N GLN C 15 -10.18 -1.84 7.95
CA GLN C 15 -8.81 -1.77 7.39
C GLN C 15 -8.15 -3.13 7.25
N CYS C 16 -8.81 -4.19 7.71
CA CYS C 16 -8.19 -5.53 7.60
C CYS C 16 -9.18 -6.57 7.03
N HIS C 17 -8.64 -7.62 6.45
CA HIS C 17 -9.39 -8.82 6.21
C HIS C 17 -9.35 -9.67 7.48
N LEU C 18 -10.46 -10.35 7.73
CA LEU C 18 -10.58 -11.25 8.89
C LEU C 18 -10.84 -12.69 8.43
N ARG C 19 -9.92 -13.56 8.84
CA ARG C 19 -10.04 -15.01 8.64
C ARG C 19 -10.15 -15.67 9.99
N THR C 20 -11.06 -16.63 10.13
CA THR C 20 -11.16 -17.38 11.36
C THR C 20 -10.87 -18.87 11.12
N SER C 21 -10.50 -19.56 12.19
CA SER C 21 -10.26 -20.99 12.13
C SER C 21 -11.56 -21.73 11.83
N THR C 22 -12.58 -21.49 12.65
CA THR C 22 -13.94 -22.03 12.43
C THR C 22 -14.93 -21.02 12.90
N ASN C 23 -16.15 -21.11 12.39
CA ASN C 23 -17.27 -20.34 12.83
C ASN C 23 -18.43 -21.27 13.24
N TYR C 24 -19.01 -21.02 14.41
CA TYR C 24 -20.06 -21.92 14.97
C TYR C 24 -21.19 -22.22 13.94
N ASN C 25 -21.64 -21.15 13.27
CA ASN C 25 -22.52 -21.20 12.12
C ASN C 25 -22.38 -19.87 11.38
N GLY C 26 -23.28 -19.61 10.45
CA GLY C 26 -23.14 -18.43 9.60
C GLY C 26 -23.60 -17.13 10.22
N VAL C 27 -24.09 -17.19 11.45
CA VAL C 27 -24.46 -15.98 12.21
C VAL C 27 -23.60 -15.88 13.50
N HIS C 28 -22.47 -16.58 13.52
CA HIS C 28 -21.51 -16.41 14.58
C HIS C 28 -20.12 -16.12 14.01
N THR C 29 -20.08 -15.50 12.82
CA THR C 29 -18.81 -15.33 12.11
C THR C 29 -18.10 -14.05 12.52
N GLN C 30 -16.92 -13.84 11.91
CA GLN C 30 -16.19 -12.61 11.97
C GLN C 30 -16.92 -11.34 11.57
N PHE C 31 -18.05 -11.46 10.88
CA PHE C 31 -18.90 -10.28 10.66
C PHE C 31 -19.37 -9.65 11.95
N ASN C 32 -19.36 -10.43 13.04
CA ASN C 32 -19.90 -10.01 14.34
C ASN C 32 -18.79 -9.75 15.37
N SER C 33 -17.55 -9.52 14.89
CA SER C 33 -16.34 -9.52 15.75
C SER C 33 -15.91 -8.15 16.31
N ALA C 34 -16.39 -7.07 15.73
CA ALA C 34 -15.96 -5.72 16.13
C ALA C 34 -16.28 -5.42 17.61
N LEU C 35 -15.31 -4.82 18.31
CA LEU C 35 -15.56 -4.31 19.64
C LEU C 35 -16.91 -3.59 19.69
N ASN C 36 -17.68 -3.90 20.73
CA ASN C 36 -18.97 -3.31 20.98
C ASN C 36 -20.05 -3.62 19.93
N TYR C 37 -19.81 -4.62 19.08
CA TYR C 37 -20.83 -5.07 18.12
C TYR C 37 -22.05 -5.47 18.94
N LYS C 38 -23.19 -4.96 18.54
CA LYS C 38 -24.49 -5.35 19.12
C LYS C 38 -25.46 -5.59 17.99
N ASN C 39 -26.38 -6.53 18.18
CA ASN C 39 -27.33 -6.84 17.14
C ASN C 39 -28.76 -6.79 17.67
N ASN C 40 -29.68 -7.42 16.95
CA ASN C 40 -31.08 -7.42 17.32
C ASN C 40 -31.33 -8.43 18.44
N GLY C 41 -31.52 -7.89 19.64
CA GLY C 41 -31.77 -8.68 20.83
C GLY C 41 -33.19 -9.25 20.89
N THR C 42 -34.07 -8.82 19.99
CA THR C 42 -35.44 -9.36 19.96
C THR C 42 -35.61 -10.48 18.90
N ASN C 43 -34.59 -10.71 18.07
CA ASN C 43 -34.66 -11.69 17.02
C ASN C 43 -33.46 -12.62 17.13
N THR C 44 -33.69 -13.91 17.25
CA THR C 44 -32.56 -14.85 17.42
C THR C 44 -31.77 -15.08 16.14
N ILE C 45 -32.35 -14.77 14.97
CA ILE C 45 -31.83 -15.28 13.73
C ILE C 45 -30.50 -14.64 13.31
N ASP C 46 -30.23 -13.44 13.83
CA ASP C 46 -28.97 -12.75 13.53
C ASP C 46 -27.78 -13.15 14.38
N GLY C 47 -27.96 -14.10 15.30
CA GLY C 47 -26.83 -14.77 15.95
C GLY C 47 -26.22 -14.03 17.13
N SER C 48 -24.92 -14.24 17.30
CA SER C 48 -24.16 -13.86 18.47
C SER C 48 -23.55 -12.48 18.37
N GLU C 49 -23.44 -11.79 19.51
CA GLU C 49 -22.71 -10.54 19.59
C GLU C 49 -21.25 -10.88 19.87
N ALA C 50 -20.68 -11.58 18.89
CA ALA C 50 -19.32 -12.12 18.92
C ALA C 50 -19.05 -13.02 17.71
N TRP C 51 -17.77 -13.15 17.39
CA TRP C 51 -17.25 -14.31 16.68
C TRP C 51 -17.20 -15.50 17.64
N CYS C 52 -17.78 -16.64 17.22
CA CYS C 52 -17.73 -17.83 18.09
C CYS C 52 -17.28 -18.99 17.24
N SER C 53 -16.30 -19.76 17.74
CA SER C 53 -15.76 -20.90 17.02
C SER C 53 -16.72 -22.06 16.98
N SER C 54 -16.47 -23.00 16.10
CA SER C 54 -17.26 -24.23 16.03
CA SER C 54 -17.25 -24.25 16.03
C SER C 54 -16.58 -25.36 16.80
N ILE C 55 -15.26 -25.34 16.80
CA ILE C 55 -14.47 -26.31 17.55
C ILE C 55 -13.99 -25.58 18.83
N VAL C 56 -14.11 -26.27 19.97
CA VAL C 56 -13.69 -25.69 21.23
C VAL C 56 -12.46 -26.43 21.67
N ASP C 57 -11.31 -25.82 21.39
CA ASP C 57 -10.01 -26.35 21.77
C ASP C 57 -9.00 -25.16 21.75
N THR C 58 -7.73 -25.42 21.97
CA THR C 58 -6.74 -24.37 22.05
C THR C 58 -6.10 -24.12 20.68
N ASN C 59 -6.76 -24.55 19.60
CA ASN C 59 -6.25 -24.35 18.26
C ASN C 59 -7.00 -23.35 17.39
N GLN C 60 -7.88 -22.56 17.99
CA GLN C 60 -8.72 -21.63 17.24
C GLN C 60 -8.03 -20.27 17.20
N TYR C 61 -8.47 -19.45 16.27
CA TYR C 61 -7.87 -18.13 16.07
C TYR C 61 -8.71 -17.25 15.18
N ILE C 62 -8.51 -15.96 15.31
CA ILE C 62 -8.99 -15.00 14.33
C ILE C 62 -7.74 -14.23 13.87
N VAL C 63 -7.57 -14.10 12.55
CA VAL C 63 -6.45 -13.38 11.95
C VAL C 63 -6.94 -12.11 11.29
N ALA C 64 -6.27 -10.99 11.59
CA ALA C 64 -6.50 -9.70 10.95
C ALA C 64 -5.31 -9.45 10.03
N GLY C 65 -5.57 -9.25 8.74
CA GLY C 65 -4.49 -9.03 7.79
C GLY C 65 -4.61 -7.67 7.11
N CYS C 66 -3.48 -6.95 7.18
CA CYS C 66 -3.28 -5.69 6.49
C CYS C 66 -2.19 -5.87 5.46
N GLU C 67 -2.42 -5.38 4.26
CA GLU C 67 -1.37 -5.32 3.24
C GLU C 67 -0.29 -4.26 3.45
N VAL C 68 -0.64 -3.18 4.13
CA VAL C 68 0.28 -2.11 4.42
C VAL C 68 0.74 -2.35 5.87
N PRO C 69 2.05 -2.39 6.11
CA PRO C 69 2.51 -2.62 7.47
C PRO C 69 2.06 -1.57 8.46
N ARG C 70 1.77 -2.05 9.68
CA ARG C 70 1.24 -1.20 10.71
C ARG C 70 2.09 -1.34 11.96
N THR C 71 2.09 -0.33 12.80
CA THR C 71 2.66 -0.44 14.16
C THR C 71 1.49 -0.66 15.12
N PHE C 72 1.37 -1.90 15.58
CA PHE C 72 0.31 -2.29 16.55
C PHE C 72 0.67 -1.89 17.98
N MET C 73 -0.12 -0.99 18.57
CA MET C 73 0.10 -0.45 19.91
C MET C 73 -0.65 -1.30 20.95
N CYS C 74 -1.84 -1.76 20.61
CA CYS C 74 -2.73 -2.34 21.62
C CYS C 74 -3.72 -3.29 20.93
N VAL C 75 -4.07 -4.38 21.62
CA VAL C 75 -5.22 -5.25 21.25
C VAL C 75 -6.24 -5.17 22.39
N ALA C 76 -7.52 -4.99 22.05
CA ALA C 76 -8.59 -4.96 23.04
C ALA C 76 -9.44 -6.20 22.86
N LEU C 77 -9.70 -6.89 23.97
CA LEU C 77 -10.58 -8.06 23.99
C LEU C 77 -11.88 -7.72 24.75
N GLN C 78 -12.97 -8.41 24.35
CA GLN C 78 -14.29 -8.21 24.94
C GLN C 78 -15.02 -9.55 24.78
N GLY C 79 -15.88 -9.84 25.74
CA GLY C 79 -16.62 -11.07 25.67
C GLY C 79 -17.78 -10.96 24.70
N ARG C 80 -18.63 -11.99 24.73
CA ARG C 80 -19.85 -12.06 23.93
C ARG C 80 -20.93 -11.27 24.59
N GLY C 81 -21.62 -10.45 23.81
CA GLY C 81 -22.56 -9.48 24.41
C GLY C 81 -23.85 -10.10 24.94
N ASP C 82 -24.27 -11.23 24.33
CA ASP C 82 -25.64 -11.73 24.51
C ASP C 82 -25.65 -13.06 25.24
N ALA C 83 -24.49 -13.60 25.60
CA ALA C 83 -24.42 -14.82 26.44
C ALA C 83 -23.15 -14.78 27.26
N ASP C 84 -23.10 -15.58 28.31
CA ASP C 84 -21.94 -15.61 29.22
C ASP C 84 -20.82 -16.46 28.65
N GLN C 85 -20.20 -15.96 27.58
CA GLN C 85 -19.10 -16.65 26.95
C GLN C 85 -18.02 -15.59 26.71
N TRP C 86 -16.76 -15.94 27.00
CA TRP C 86 -15.67 -14.96 26.86
C TRP C 86 -14.33 -15.66 26.98
N VAL C 87 -13.30 -14.98 26.49
CA VAL C 87 -11.98 -15.54 26.42
C VAL C 87 -11.18 -14.85 27.56
N THR C 88 -10.69 -15.70 28.46
CA THR C 88 -10.03 -15.26 29.69
C THR C 88 -8.52 -15.07 29.53
N SER C 89 -7.91 -15.80 28.60
CA SER C 89 -6.52 -15.54 28.18
C SER C 89 -6.29 -15.97 26.71
N TYR C 90 -5.22 -15.44 26.11
CA TYR C 90 -4.92 -15.70 24.71
C TYR C 90 -3.45 -15.45 24.40
N LYS C 91 -2.96 -16.01 23.30
CA LYS C 91 -1.67 -15.58 22.78
C LYS C 91 -1.85 -14.80 21.48
N ILE C 92 -0.83 -14.00 21.20
CA ILE C 92 -0.77 -13.16 20.00
C ILE C 92 0.35 -13.66 19.11
N ARG C 93 0.03 -13.88 17.82
CA ARG C 93 1.03 -14.25 16.85
C ARG C 93 0.96 -13.16 15.77
N TYR C 94 2.06 -12.97 15.07
CA TYR C 94 2.11 -11.92 14.04
C TYR C 94 3.13 -12.19 12.96
N SER C 95 2.95 -11.54 11.81
CA SER C 95 3.93 -11.64 10.73
C SER C 95 4.07 -10.30 10.03
N LEU C 96 5.28 -9.91 9.75
CA LEU C 96 5.52 -8.68 8.95
C LEU C 96 5.59 -8.99 7.48
N ASP C 97 6.40 -10.00 7.12
CA ASP C 97 6.54 -10.36 5.70
C ASP C 97 5.55 -11.40 5.14
N ASN C 98 4.69 -11.96 6.01
CA ASN C 98 3.69 -12.95 5.60
C ASN C 98 4.31 -14.24 5.09
N VAL C 99 5.55 -14.47 5.50
CA VAL C 99 6.28 -15.71 5.24
C VAL C 99 6.63 -16.34 6.60
N SER C 100 7.30 -15.59 7.45
CA SER C 100 7.62 -16.07 8.81
C SER C 100 6.73 -15.43 9.86
N TRP C 101 6.20 -16.25 10.76
CA TRP C 101 5.39 -15.82 11.85
C TRP C 101 6.16 -15.92 13.18
N PHE C 102 5.83 -15.03 14.08
CA PHE C 102 6.40 -14.91 15.41
C PHE C 102 5.32 -14.87 16.47
N GLU C 103 5.73 -15.10 17.72
CA GLU C 103 4.77 -15.05 18.82
C GLU C 103 5.17 -13.98 19.81
N TYR C 104 4.24 -13.13 20.17
CA TYR C 104 4.45 -12.16 21.25
C TYR C 104 4.72 -12.89 22.57
N ARG C 105 5.74 -12.43 23.31
CA ARG C 105 6.14 -13.05 24.60
C ARG C 105 6.44 -14.52 24.47
N ASN C 106 6.97 -14.89 23.32
CA ASN C 106 7.25 -16.27 22.98
CA ASN C 106 7.26 -16.26 22.99
C ASN C 106 6.04 -17.18 23.15
N GLY C 107 4.84 -16.61 23.00
CA GLY C 107 3.62 -17.40 23.08
C GLY C 107 2.98 -17.47 24.44
N ALA C 108 3.51 -16.74 25.41
CA ALA C 108 2.88 -16.65 26.72
C ALA C 108 1.48 -16.04 26.66
N ALA C 109 0.65 -16.42 27.63
CA ALA C 109 -0.71 -15.93 27.70
C ALA C 109 -0.76 -14.44 28.02
N VAL C 110 -1.74 -13.78 27.44
CA VAL C 110 -2.04 -12.43 27.73
C VAL C 110 -3.38 -12.49 28.42
N THR C 111 -3.58 -11.57 29.35
CA THR C 111 -4.80 -11.53 30.14
C THR C 111 -5.96 -11.05 29.35
N GLY C 112 -6.99 -11.91 29.33
CA GLY C 112 -8.22 -11.55 28.68
C GLY C 112 -9.24 -10.89 29.57
N VAL C 113 -10.51 -11.25 29.34
CA VAL C 113 -11.64 -10.61 30.01
C VAL C 113 -12.30 -11.54 31.07
N THR C 114 -13.23 -10.97 31.82
CA THR C 114 -13.86 -11.68 32.93
C THR C 114 -15.39 -11.57 32.90
N ASP C 115 -15.94 -11.02 31.83
CA ASP C 115 -17.38 -10.79 31.72
C ASP C 115 -17.74 -10.57 30.25
N ARG C 116 -19.00 -10.27 30.00
CA ARG C 116 -19.48 -10.09 28.63
C ARG C 116 -18.96 -8.81 27.96
N ASN C 117 -18.99 -7.69 28.68
CA ASN C 117 -18.88 -6.37 28.06
C ASN C 117 -17.68 -5.49 28.44
N THR C 118 -17.00 -5.79 29.55
CA THR C 118 -15.93 -4.91 30.01
C THR C 118 -14.68 -5.19 29.19
N VAL C 119 -14.33 -4.19 28.37
CA VAL C 119 -13.15 -4.30 27.48
C VAL C 119 -11.88 -4.35 28.30
N VAL C 120 -10.99 -5.26 27.95
CA VAL C 120 -9.64 -5.29 28.50
C VAL C 120 -8.56 -5.01 27.42
N ASN C 121 -7.91 -3.84 27.53
CA ASN C 121 -6.83 -3.43 26.60
C ASN C 121 -5.51 -4.03 27.01
N HIS C 122 -4.77 -4.58 26.05
CA HIS C 122 -3.39 -4.92 26.25
C HIS C 122 -2.47 -4.10 25.33
N PHE C 123 -1.68 -3.23 25.93
CA PHE C 123 -0.65 -2.50 25.19
C PHE C 123 0.55 -3.38 25.14
N PHE C 124 1.02 -3.68 23.93
CA PHE C 124 2.13 -4.59 23.76
C PHE C 124 3.41 -4.04 24.40
N ASP C 125 4.15 -4.95 25.06
CA ASP C 125 5.40 -4.59 25.75
C ASP C 125 6.25 -3.65 24.91
N THR C 126 6.47 -4.02 23.64
CA THR C 126 7.01 -3.14 22.62
C THR C 126 6.01 -3.14 21.46
N PRO C 127 5.70 -1.96 20.90
CA PRO C 127 4.79 -2.01 19.71
C PRO C 127 5.22 -3.02 18.66
N ILE C 128 4.26 -3.69 18.04
CA ILE C 128 4.58 -4.73 17.07
C ILE C 128 4.45 -4.20 15.62
N ARG C 129 5.53 -4.33 14.84
CA ARG C 129 5.51 -4.01 13.41
C ARG C 129 5.09 -5.22 12.62
N ALA C 130 3.91 -5.17 12.00
CA ALA C 130 3.38 -6.34 11.33
C ALA C 130 2.38 -6.01 10.21
N ARG C 131 2.16 -6.99 9.34
CA ARG C 131 1.06 -6.98 8.37
C ARG C 131 -0.13 -7.74 8.94
N SER C 132 0.11 -8.96 9.42
CA SER C 132 -0.98 -9.78 9.92
C SER C 132 -0.74 -10.08 11.41
N ILE C 133 -1.84 -10.25 12.15
CA ILE C 133 -1.79 -10.50 13.59
C ILE C 133 -2.97 -11.41 13.95
N ALA C 134 -2.79 -12.29 14.94
CA ALA C 134 -3.82 -13.27 15.24
C ALA C 134 -4.01 -13.40 16.72
N ILE C 135 -5.26 -13.50 17.15
CA ILE C 135 -5.63 -13.81 18.52
C ILE C 135 -5.92 -15.30 18.57
N HIS C 136 -5.21 -16.00 19.46
CA HIS C 136 -5.32 -17.43 19.64
C HIS C 136 -5.80 -17.71 21.07
N PRO C 137 -7.13 -17.88 21.26
CA PRO C 137 -7.68 -18.12 22.61
C PRO C 137 -7.05 -19.32 23.28
N LEU C 138 -6.68 -19.15 24.55
CA LEU C 138 -6.03 -20.20 25.32
C LEU C 138 -6.93 -20.76 26.42
N THR C 139 -7.70 -19.89 27.04
CA THR C 139 -8.66 -20.28 28.06
C THR C 139 -9.88 -19.43 27.90
N TRP C 140 -11.03 -20.00 28.28
CA TRP C 140 -12.30 -19.37 28.04
C TRP C 140 -13.32 -19.77 29.10
N ASN C 141 -14.38 -18.96 29.17
CA ASN C 141 -15.56 -19.23 30.00
C ASN C 141 -16.69 -19.57 29.07
N GLY C 142 -17.17 -20.81 29.10
CA GLY C 142 -18.40 -21.15 28.38
C GLY C 142 -18.09 -21.61 26.96
N HIS C 143 -17.49 -20.73 26.17
CA HIS C 143 -17.20 -21.03 24.77
C HIS C 143 -16.15 -20.02 24.31
N ILE C 144 -15.50 -20.31 23.18
CA ILE C 144 -14.55 -19.38 22.57
C ILE C 144 -15.32 -18.41 21.75
N SER C 145 -15.60 -17.27 22.36
CA SER C 145 -16.45 -16.25 21.81
C SER C 145 -15.88 -14.89 22.15
N LEU C 146 -15.68 -14.02 21.16
CA LEU C 146 -15.04 -12.71 21.43
C LEU C 146 -15.46 -11.62 20.48
N ARG C 147 -15.26 -10.39 20.93
CA ARG C 147 -15.19 -9.20 20.15
C ARG C 147 -13.79 -8.61 20.40
N CYS C 148 -13.27 -7.88 19.43
CA CYS C 148 -11.93 -7.33 19.58
C CYS C 148 -11.67 -6.13 18.73
N GLU C 149 -10.56 -5.46 19.05
CA GLU C 149 -10.05 -4.40 18.19
C GLU C 149 -8.53 -4.40 18.28
N PHE C 150 -7.89 -3.96 17.19
CA PHE C 150 -6.46 -3.64 17.18
C PHE C 150 -6.29 -2.15 16.93
N TYR C 151 -5.31 -1.54 17.61
CA TYR C 151 -5.12 -0.10 17.54
C TYR C 151 -3.75 0.18 16.99
N THR C 152 -3.70 0.87 15.85
CA THR C 152 -2.45 1.09 15.18
C THR C 152 -2.15 2.58 15.10
N GLN C 153 -0.87 2.89 15.01
CA GLN C 153 -0.47 4.24 14.62
C GLN C 153 -1.10 4.54 13.25
N PRO C 154 -1.44 5.79 13.02
CA PRO C 154 -1.84 6.12 11.67
C PRO C 154 -0.74 5.79 10.67
N VAL C 155 -1.13 5.45 9.44
CA VAL C 155 -0.15 5.19 8.38
C VAL C 155 -0.10 6.38 7.44
N GLN C 156 1.02 6.49 6.76
CA GLN C 156 1.15 7.44 5.66
CA GLN C 156 1.17 7.45 5.68
C GLN C 156 1.48 6.69 4.38
N SER C 157 0.93 7.16 3.26
CA SER C 157 1.11 6.52 1.97
C SER C 157 1.76 7.54 1.04
N SER C 158 2.87 7.16 0.42
CA SER C 158 3.50 8.02 -0.58
C SER C 158 3.53 7.37 -1.97
N VAL C 159 3.51 8.20 -3.01
CA VAL C 159 3.76 7.73 -4.36
C VAL C 159 4.89 8.57 -4.93
N THR C 160 5.87 7.92 -5.49
CA THR C 160 7.08 8.60 -6.01
C THR C 160 7.32 8.27 -7.47
N GLN C 161 7.73 9.28 -8.23
CA GLN C 161 8.18 9.09 -9.58
C GLN C 161 9.59 9.69 -9.70
N VAL C 162 10.51 8.91 -10.26
CA VAL C 162 11.85 9.36 -10.64
C VAL C 162 11.94 9.65 -12.13
N GLY C 163 12.55 10.77 -12.49
CA GLY C 163 12.86 10.99 -13.88
C GLY C 163 14.30 11.36 -14.00
N ALA C 164 14.94 10.86 -15.07
CA ALA C 164 16.37 10.98 -15.25
C ALA C 164 16.72 11.95 -16.34
N ASP C 165 17.81 12.66 -16.13
CA ASP C 165 18.60 13.21 -17.20
C ASP C 165 17.94 14.41 -17.90
N ILE C 166 17.33 15.29 -17.11
CA ILE C 166 16.84 16.53 -17.64
C ILE C 166 18.06 17.37 -17.98
N TYR C 167 18.15 17.85 -19.20
CA TYR C 167 19.38 18.48 -19.66
C TYR C 167 19.19 19.88 -20.32
N THR C 168 20.18 20.76 -20.12
CA THR C 168 20.14 22.08 -20.74
C THR C 168 20.35 22.03 -22.26
N GLY C 169 21.01 20.97 -22.74
CA GLY C 169 21.64 20.98 -24.06
C GLY C 169 23.07 21.44 -23.94
N ASP C 170 23.91 21.03 -24.91
CA ASP C 170 25.26 21.51 -24.97
C ASP C 170 25.29 23.00 -25.40
N ASN C 171 26.24 23.73 -24.82
CA ASN C 171 26.48 25.11 -25.16
C ASN C 171 25.17 25.93 -25.04
N CYS C 172 24.54 25.77 -23.90
CA CYS C 172 23.26 26.35 -23.66
C CYS C 172 23.32 27.85 -23.41
N ALA C 173 22.15 28.47 -23.26
CA ALA C 173 22.09 29.92 -23.08
C ALA C 173 22.82 30.47 -21.83
N LEU C 174 23.12 29.59 -20.87
CA LEU C 174 23.89 29.95 -19.70
C LEU C 174 25.36 30.15 -20.03
N ASN C 175 25.73 29.84 -21.26
CA ASN C 175 27.13 29.91 -21.66
C ASN C 175 27.55 31.23 -22.30
N THR C 176 26.65 32.21 -22.22
CA THR C 176 26.89 33.54 -22.75
C THR C 176 26.15 34.52 -21.86
N GLY C 177 26.59 35.76 -21.89
CA GLY C 177 25.90 36.82 -21.19
C GLY C 177 26.29 36.97 -19.74
N SER C 178 25.63 37.87 -19.04
CA SER C 178 25.89 38.00 -17.62
C SER C 178 24.64 38.36 -16.84
N GLY C 179 24.76 38.34 -15.52
CA GLY C 179 23.64 38.49 -14.61
C GLY C 179 22.90 37.17 -14.46
N LYS C 180 21.78 37.21 -13.77
CA LYS C 180 20.90 36.08 -13.64
C LYS C 180 20.40 35.61 -15.00
N ARG C 181 20.60 34.33 -15.31
CA ARG C 181 20.25 33.75 -16.59
C ARG C 181 19.73 32.34 -16.29
N GLU C 182 18.73 31.93 -17.06
CA GLU C 182 18.11 30.62 -16.91
C GLU C 182 17.85 29.94 -18.21
N VAL C 183 17.78 28.61 -18.11
CA VAL C 183 17.30 27.70 -19.19
C VAL C 183 16.21 26.82 -18.59
N VAL C 184 15.03 26.86 -19.19
CA VAL C 184 13.86 26.18 -18.66
C VAL C 184 13.53 25.01 -19.55
N VAL C 185 13.39 23.85 -18.93
CA VAL C 185 13.07 22.63 -19.59
C VAL C 185 11.81 22.05 -18.96
N PRO C 186 10.70 22.02 -19.72
CA PRO C 186 9.46 21.51 -19.15
C PRO C 186 9.53 20.01 -18.96
N VAL C 187 8.97 19.55 -17.86
CA VAL C 187 8.99 18.15 -17.53
C VAL C 187 7.58 17.69 -17.28
N LYS C 188 7.23 16.54 -17.84
CA LYS C 188 5.92 15.95 -17.65
C LYS C 188 6.08 14.64 -16.93
N PHE C 189 5.36 14.44 -15.84
CA PHE C 189 5.41 13.17 -15.14
C PHE C 189 4.78 12.05 -15.98
N GLN C 190 5.30 10.86 -15.83
CA GLN C 190 4.78 9.69 -16.55
C GLN C 190 3.28 9.55 -16.26
N PHE C 191 2.89 9.70 -14.99
CA PHE C 191 1.46 9.79 -14.66
C PHE C 191 1.16 10.95 -13.77
N GLU C 192 -0.11 11.39 -13.79
CA GLU C 192 -0.55 12.46 -12.94
C GLU C 192 -0.70 12.00 -11.50
N PHE C 193 -0.11 12.73 -10.57
CA PHE C 193 -0.27 12.44 -9.15
C PHE C 193 -1.68 12.80 -8.67
N ALA C 194 -2.15 12.07 -7.67
CA ALA C 194 -3.44 12.34 -7.03
C ALA C 194 -3.46 13.55 -6.17
N THR C 195 -2.32 13.97 -5.59
CA THR C 195 -2.18 15.18 -4.82
C THR C 195 -0.84 15.85 -5.21
N LEU C 196 -0.64 17.10 -4.81
CA LEU C 196 0.51 17.89 -5.25
C LEU C 196 1.84 17.31 -4.73
N PRO C 197 2.78 17.03 -5.64
CA PRO C 197 4.04 16.49 -5.16
C PRO C 197 5.03 17.50 -4.69
N LYS C 198 6.00 17.03 -3.89
CA LYS C 198 7.24 17.79 -3.62
C LYS C 198 8.31 17.22 -4.52
N VAL C 199 9.22 18.08 -4.98
CA VAL C 199 10.20 17.70 -5.99
C VAL C 199 11.62 18.03 -5.55
N ALA C 200 12.47 17.01 -5.51
CA ALA C 200 13.91 17.13 -5.39
C ALA C 200 14.50 17.10 -6.80
N LEU C 201 15.50 17.91 -7.08
CA LEU C 201 16.00 18.08 -8.42
C LEU C 201 17.47 18.48 -8.27
N ASN C 202 18.35 17.54 -8.60
CA ASN C 202 19.75 17.63 -8.20
C ASN C 202 20.69 17.28 -9.34
N PHE C 203 21.91 17.78 -9.29
CA PHE C 203 22.85 17.62 -10.39
C PHE C 203 23.40 16.19 -10.57
N ASP C 204 23.52 15.75 -11.82
CA ASP C 204 24.35 14.60 -12.17
C ASP C 204 25.42 14.86 -13.20
N GLN C 205 25.42 16.02 -13.85
CA GLN C 205 26.51 16.35 -14.78
C GLN C 205 26.67 17.86 -14.89
N ILE C 206 27.91 18.30 -14.78
CA ILE C 206 28.21 19.74 -14.67
C ILE C 206 29.37 20.02 -15.59
N ASP C 207 29.17 21.01 -16.45
CA ASP C 207 30.18 21.47 -17.40
C ASP C 207 30.13 23.00 -17.39
N CYS C 208 31.07 23.62 -16.70
CA CYS C 208 30.99 25.06 -16.47
C CYS C 208 32.37 25.71 -16.26
N THR C 209 32.41 27.02 -16.55
CA THR C 209 33.64 27.80 -16.41
C THR C 209 33.56 28.66 -15.14
N ASP C 210 34.63 28.68 -14.37
CA ASP C 210 34.65 29.54 -13.20
C ASP C 210 34.72 31.02 -13.65
N ALA C 211 34.36 31.92 -12.73
CA ALA C 211 34.44 33.37 -12.95
C ALA C 211 35.27 33.93 -11.80
N THR C 212 36.53 34.31 -12.07
CA THR C 212 37.43 34.73 -10.98
C THR C 212 37.41 33.71 -9.86
N ASN C 213 37.63 32.47 -10.26
CA ASN C 213 37.72 31.31 -9.40
C ASN C 213 36.43 30.85 -8.74
N GLN C 214 35.32 31.53 -9.03
CA GLN C 214 34.03 31.17 -8.44
C GLN C 214 33.20 30.29 -9.35
N THR C 215 32.62 29.24 -8.76
CA THR C 215 31.60 28.41 -9.40
C THR C 215 30.21 28.85 -8.92
N ARG C 216 29.32 29.09 -9.86
CA ARG C 216 27.95 29.46 -9.55
C ARG C 216 26.98 28.68 -10.45
N ILE C 217 26.27 27.71 -9.89
CA ILE C 217 25.30 26.91 -10.66
C ILE C 217 24.10 26.57 -9.78
N GLY C 218 22.96 26.43 -10.42
CA GLY C 218 21.76 26.04 -9.73
C GLY C 218 20.74 25.37 -10.60
N VAL C 219 19.85 24.63 -9.95
CA VAL C 219 18.72 24.04 -10.62
C VAL C 219 17.55 23.97 -9.64
N GLN C 220 16.35 24.26 -10.12
CA GLN C 220 15.19 24.38 -9.25
C GLN C 220 13.92 24.12 -10.05
N PRO C 221 12.96 23.40 -9.45
CA PRO C 221 11.63 23.29 -10.04
C PRO C 221 10.81 24.58 -9.88
N ARG C 222 9.99 24.86 -10.86
CA ARG C 222 9.07 25.99 -10.80
C ARG C 222 7.74 25.52 -11.38
N ASN C 223 6.64 26.04 -10.88
CA ASN C 223 5.33 25.71 -11.43
C ASN C 223 5.01 24.21 -11.28
N ILE C 224 5.28 23.64 -10.10
CA ILE C 224 4.97 22.22 -9.86
C ILE C 224 3.46 22.05 -9.85
N THR C 225 2.99 21.06 -10.59
CA THR C 225 1.59 20.67 -10.54
C THR C 225 1.51 19.17 -10.33
N THR C 226 0.30 18.62 -10.26
CA THR C 226 0.18 17.17 -10.30
C THR C 226 0.70 16.50 -11.59
N LYS C 227 0.82 17.27 -12.70
CA LYS C 227 1.18 16.76 -14.00
C LYS C 227 2.64 16.87 -14.40
N GLY C 228 3.32 17.85 -13.82
CA GLY C 228 4.72 18.09 -14.11
C GLY C 228 5.23 19.37 -13.50
N PHE C 229 6.33 19.89 -14.07
CA PHE C 229 6.96 21.08 -13.57
C PHE C 229 7.91 21.64 -14.59
N ASP C 230 8.39 22.84 -14.37
CA ASP C 230 9.45 23.40 -15.20
C ASP C 230 10.78 23.24 -14.46
N CYS C 231 11.74 22.56 -15.10
CA CYS C 231 13.10 22.45 -14.57
C CYS C 231 13.90 23.69 -14.99
N VAL C 232 14.27 24.52 -14.01
CA VAL C 232 14.98 25.76 -14.24
C VAL C 232 16.43 25.59 -13.87
N PHE C 233 17.25 25.54 -14.89
CA PHE C 233 18.71 25.59 -14.73
C PHE C 233 19.13 27.06 -14.76
N TYR C 234 20.10 27.42 -13.93
CA TYR C 234 20.48 28.82 -13.86
C TYR C 234 21.90 29.07 -13.39
N THR C 235 22.39 30.26 -13.70
CA THR C 235 23.62 30.76 -13.18
C THR C 235 23.43 32.27 -12.97
N TRP C 236 24.47 32.94 -12.51
CA TRP C 236 24.38 34.37 -12.24
C TRP C 236 25.75 34.99 -12.28
N ASN C 237 25.87 36.28 -11.99
CA ASN C 237 27.14 36.97 -12.09
C ASN C 237 27.70 36.77 -13.52
N GLU C 238 29.01 36.61 -13.67
CA GLU C 238 29.65 36.53 -14.98
C GLU C 238 29.89 35.08 -15.42
N ASN C 239 29.38 34.10 -14.65
CA ASN C 239 29.69 32.71 -14.98
C ASN C 239 29.16 32.29 -16.33
N LYS C 240 29.94 31.49 -17.01
CA LYS C 240 29.53 30.87 -18.25
C LYS C 240 29.41 29.36 -18.01
N VAL C 241 28.22 28.86 -18.20
CA VAL C 241 27.92 27.47 -18.00
C VAL C 241 27.55 26.81 -19.33
N TYR C 242 28.32 25.80 -19.73
CA TYR C 242 28.14 25.14 -21.00
C TYR C 242 26.93 24.21 -20.95
N SER C 243 26.82 23.42 -19.88
CA SER C 243 25.67 22.53 -19.74
C SER C 243 25.47 22.09 -18.30
N LEU C 244 24.24 21.69 -17.99
CA LEU C 244 23.91 21.08 -16.69
C LEU C 244 22.87 20.03 -16.93
N ARG C 245 22.98 18.95 -16.15
CA ARG C 245 22.04 17.85 -16.18
C ARG C 245 21.61 17.54 -14.76
N ALA C 246 20.36 17.13 -14.62
CA ALA C 246 19.79 16.78 -13.33
C ALA C 246 18.81 15.64 -13.41
N ASP C 247 18.67 14.92 -12.29
CA ASP C 247 17.64 13.91 -12.13
C ASP C 247 16.61 14.45 -11.12
N TYR C 248 15.35 14.02 -11.23
CA TYR C 248 14.34 14.45 -10.27
C TYR C 248 13.66 13.32 -9.53
N ILE C 249 13.19 13.64 -8.35
CA ILE C 249 12.42 12.69 -7.54
C ILE C 249 11.22 13.49 -7.05
N ALA C 250 10.03 13.06 -7.44
CA ALA C 250 8.78 13.74 -7.10
C ALA C 250 7.94 12.75 -6.28
N THR C 251 7.45 13.22 -5.13
CA THR C 251 6.72 12.38 -4.19
C THR C 251 5.48 13.10 -3.74
N ALA C 252 4.36 12.39 -3.79
CA ALA C 252 3.07 12.93 -3.32
C ALA C 252 2.63 12.08 -2.13
N LEU C 253 1.96 12.73 -1.17
CA LEU C 253 1.51 12.07 0.05
C LEU C 253 -0.01 11.92 0.14
N GLU C 254 -0.43 10.82 0.75
CA GLU C 254 -1.82 10.55 1.07
C GLU C 254 -2.74 10.69 -0.14
C1 NGA D . 44.61 17.21 -0.45
C2 NGA D . 43.45 17.07 0.56
C3 NGA D . 42.59 15.83 0.22
C4 NGA D . 42.02 15.98 -1.18
C5 NGA D . 43.16 16.28 -2.14
C6 NGA D . 42.76 16.61 -3.59
C7 NGA D . 43.68 17.66 2.96
C8 NGA D . 44.30 17.26 4.28
N2 NGA D . 43.95 16.87 1.92
O1 NGA D . 45.22 18.39 0.06
O3 NGA D . 41.58 15.69 1.24
O4 NGA D . 41.06 17.04 -1.19
O5 NGA D . 43.85 17.42 -1.63
O6 NGA D . 43.93 16.76 -4.44
O7 NGA D . 42.98 18.66 2.85
C1 GAL D . 40.91 14.42 1.28
C2 GAL D . 40.66 14.03 2.74
C3 GAL D . 39.88 12.71 2.81
C4 GAL D . 38.58 12.81 2.00
C5 GAL D . 38.96 13.22 0.56
C6 GAL D . 37.73 13.39 -0.30
O2 GAL D . 41.93 13.85 3.34
O3 GAL D . 39.56 12.44 4.16
O4 GAL D . 37.73 13.80 2.57
O5 GAL D . 39.71 14.43 0.54
O6 GAL D . 38.13 13.52 -1.65
C1 NGA E . 28.75 37.96 -5.60
C2 NGA E . 27.38 37.52 -6.05
C3 NGA E . 26.75 36.64 -4.98
C4 NGA E . 27.64 35.43 -4.74
C5 NGA E . 29.05 35.91 -4.40
C6 NGA E . 30.05 34.79 -4.26
C7 NGA E . 25.97 38.96 -7.49
C8 NGA E . 25.07 40.17 -7.50
N2 NGA E . 26.50 38.65 -6.28
O1 NGA E . 29.30 38.73 -6.67
O3 NGA E . 25.46 36.32 -5.50
O4 NGA E . 27.61 34.57 -5.90
O5 NGA E . 29.57 36.82 -5.39
O6 NGA E . 31.30 35.32 -3.76
O7 NGA E . 26.19 38.30 -8.51
C1 GAL E . 24.52 35.81 -4.55
C2 GAL E . 23.19 36.45 -4.90
C3 GAL E . 22.09 35.86 -4.03
C4 GAL E . 22.09 34.35 -4.13
C5 GAL E . 23.47 33.82 -3.74
C6 GAL E . 23.59 32.31 -3.79
O2 GAL E . 23.25 37.87 -4.67
O3 GAL E . 20.82 36.32 -4.47
O4 GAL E . 21.75 33.98 -5.45
O5 GAL E . 24.48 34.38 -4.56
O6 GAL E . 24.85 31.92 -3.27
C1 NGA F . 35.13 20.81 -25.20
C2 NGA F . 34.57 19.46 -24.72
C3 NGA F . 33.05 19.41 -24.59
C4 NGA F . 32.62 20.41 -23.54
C5 NGA F . 33.29 21.72 -23.86
C6 NGA F . 33.03 22.75 -22.76
C7 NGA F . 35.83 17.45 -25.55
C8 NGA F . 36.08 16.58 -26.76
N2 NGA F . 34.96 18.46 -25.74
O1 NGA F . 36.54 20.93 -25.20
O3 NGA F . 32.75 18.06 -24.24
O4 NGA F . 33.08 19.97 -22.25
O5 NGA F . 34.70 21.42 -23.96
O6 NGA F . 33.51 24.06 -23.18
O7 NGA F . 36.38 17.23 -24.48
C1 GAL F . 31.38 17.73 -24.46
C2 GAL F . 31.29 16.31 -25.07
C3 GAL F . 29.82 15.90 -25.20
C4 GAL F . 29.01 16.19 -23.92
C5 GAL F . 29.27 17.58 -23.37
C6 GAL F . 28.69 17.79 -21.96
O2 GAL F . 31.85 16.38 -26.38
O3 GAL F . 29.74 14.51 -25.50
O4 GAL F . 29.43 15.28 -22.98
O5 GAL F . 30.67 17.80 -23.24
O6 GAL F . 28.67 19.17 -21.68
O5 A2G G . 43.99 17.49 -1.54
C1 A2G G . 44.52 17.28 -0.24
O1 A2G G . 45.36 16.13 -0.26
C2 A2G G . 43.37 17.03 0.71
N2 A2G G . 43.85 16.80 2.06
C3 A2G G . 42.58 15.81 0.27
O3 A2G G . 41.53 15.70 1.23
C4 A2G G . 42.12 15.98 -1.16
O4 A2G G . 41.14 17.03 -1.24
C5 A2G G . 43.35 16.29 -2.02
C6 A2G G . 43.04 16.50 -3.48
O6 A2G G . 41.87 17.30 -3.52
C7 A2G G . 43.63 17.65 3.06
O7 A2G G . 43.02 18.69 2.90
C8 A2G G . 44.22 17.24 4.40
CA CA H . 25.21 11.01 1.03
S SO4 I . 7.17 5.26 -2.28
O1 SO4 I . 6.86 6.72 -2.35
O2 SO4 I . 7.70 4.86 -3.58
O3 SO4 I . 8.17 5.08 -1.20
O4 SO4 I . 5.98 4.43 -1.93
C1 GOL J . -29.27 14.30 -3.58
O1 GOL J . -28.39 13.25 -3.81
C2 GOL J . -29.31 15.09 -4.85
O2 GOL J . -29.22 14.16 -5.88
C3 GOL J . -28.11 15.99 -4.96
O3 GOL J . -28.03 16.53 -6.25
C1 GOL K . -34.94 -9.50 5.32
O1 GOL K . -34.06 -8.90 4.42
C2 GOL K . -36.35 -9.06 5.06
O2 GOL K . -36.87 -9.90 4.05
C3 GOL K . -37.10 -8.99 6.37
O3 GOL K . -38.39 -8.50 6.18
C2 1PG L . -14.23 5.09 13.83
C1 1PG L . -15.53 4.92 15.79
O1 1PG L . -14.59 4.25 14.96
O2 1PG L . -15.28 3.91 12.03
C3 1PG L . -15.40 5.07 12.84
C4 1PG L . -16.33 3.91 11.01
C5 1PG L . -17.62 3.64 11.70
O3 1PG L . -18.75 3.63 10.84
C6 1PG L . -19.99 3.59 11.61
C7 1PG L . -20.20 4.93 12.29
O4 1PG L . -21.17 5.03 13.36
C8 1PG L . -21.46 6.45 13.65
C9 1PG L . -22.31 7.20 12.67
O5 1PG L . -22.75 8.61 12.98
C10 1PG L . -24.14 9.08 12.48
C11 1PG L . -25.38 8.14 12.33
O6 1PG L . -26.80 8.73 12.13
O5 A2G M . 29.57 36.82 -5.45
C1 A2G M . 28.75 37.95 -5.75
O1 A2G M . 28.67 38.85 -4.65
C2 A2G M . 27.35 37.49 -6.11
N2 A2G M . 26.48 38.64 -6.29
C3 A2G M . 26.75 36.64 -5.00
O3 A2G M . 25.45 36.31 -5.50
C4 A2G M . 27.63 35.44 -4.75
O4 A2G M . 27.63 34.57 -5.89
C5 A2G M . 29.04 35.95 -4.42
C6 A2G M . 30.03 34.82 -4.23
O6 A2G M . 31.27 35.37 -3.72
C7 A2G M . 25.96 38.98 -7.49
O7 A2G M . 26.17 38.31 -8.51
C8 A2G M . 25.07 40.20 -7.49
CA CA N . 15.69 22.29 -4.84
C1 GOL O . -0.87 -27.18 -18.05
O1 GOL O . 0.53 -27.21 -17.85
C2 GOL O . -1.61 -27.60 -16.82
O2 GOL O . -2.09 -28.89 -16.98
C3 GOL O . -2.87 -26.87 -16.69
O3 GOL O . -3.31 -27.37 -15.47
C1 GOL P . -25.09 -29.55 -2.75
O1 GOL P . -25.45 -30.88 -2.99
C2 GOL P . -23.84 -29.43 -1.88
O2 GOL P . -23.77 -30.24 -0.73
C3 GOL P . -23.80 -28.00 -1.44
O3 GOL P . -22.52 -27.71 -1.01
C1 GOL Q . -14.12 -11.80 -11.83
O1 GOL Q . -13.37 -12.23 -12.97
C2 GOL Q . -14.92 -10.50 -12.08
O2 GOL Q . -14.76 -10.04 -13.39
C3 GOL Q . -14.39 -9.37 -11.25
O3 GOL Q . -14.87 -8.14 -11.75
O5 A2G R . 34.77 21.65 -23.95
C1 A2G R . 35.19 20.75 -24.98
O1 A2G R . 34.68 21.20 -26.24
C2 A2G R . 34.64 19.34 -24.72
N2 A2G R . 35.04 18.42 -25.78
C3 A2G R . 33.12 19.38 -24.60
O3 A2G R . 32.76 18.05 -24.24
C4 A2G R . 32.69 20.41 -23.57
O4 A2G R . 33.10 19.98 -22.26
C5 A2G R . 33.33 21.77 -23.87
C6 A2G R . 33.01 22.78 -22.77
O6 A2G R . 33.50 24.09 -23.15
C7 A2G R . 35.89 17.41 -25.57
O7 A2G R . 36.39 17.18 -24.48
C8 A2G R . 36.18 16.56 -26.80
CA CA S . 21.10 10.70 -14.31
C1 GOL T . -1.19 -9.44 30.51
O1 GOL T . -0.54 -10.46 31.21
C2 GOL T . -1.07 -8.15 31.23
O2 GOL T . -1.80 -7.25 30.43
C3 GOL T . 0.36 -7.64 31.43
O3 GOL T . 1.20 -8.71 31.69
C1 GOL U . -22.24 -22.63 22.33
O1 GOL U . -23.30 -23.27 23.01
C2 GOL U . -22.83 -21.61 21.38
O2 GOL U . -23.68 -20.67 21.99
C3 GOL U . -21.72 -20.81 20.75
O3 GOL U . -22.42 -20.09 19.80
C1 GOL V . -1.84 -17.50 12.42
O1 GOL V . -1.34 -17.45 13.75
C2 GOL V . -1.55 -18.89 11.88
O2 GOL V . -2.80 -19.56 12.01
C3 GOL V . -1.07 -18.77 10.47
O3 GOL V . -2.11 -18.03 9.86
#